data_7V58
#
_entry.id   7V58
#
_cell.length_a   62.724
_cell.length_b   122.630
_cell.length_c   136.462
_cell.angle_alpha   90.000
_cell.angle_beta   90.000
_cell.angle_gamma   90.000
#
_symmetry.space_group_name_H-M   'P 21 21 21'
#
loop_
_entity.id
_entity.type
_entity.pdbx_description
1 polymer '2-amino-3-ketobutyrate coenzyme A ligase'
2 non-polymer "PYRIDOXAL-5'-PHOSPHATE"
3 non-polymer '2-(N-MORPHOLINO)-ETHANESULFONIC ACID'
4 non-polymer 'SULFATE ION'
5 non-polymer GLYCINE
6 water water
#
_entity_poly.entity_id   1
_entity_poly.type   'polypeptide(L)'
_entity_poly.pdbx_seq_one_letter_code
;NIMSSAFYQQIQQQIEEVKAEGLYKSERIITSQQQAAVKIASGEEVLNFCANNYLGLANHPALIEAGKAGMDEHGFGMAS
VRFICGTQDIHKELEQKLSTFLGKEDTILYTSCFDANAGLFETILDKEDAIISDALNHASIIDGVRLCKAMRFRYSNNNM
TELEEQLIAAKDAGARNILIVTDGVFSMDGVVANLPAICDLAEKYGALTMVDDSHAVGFMGKTGAGTHEYHDVVDRIDII
TGTLGKAMGGASGGYTSGKKEVIEWLRQRSRPYLFSNSVAPAIVSASIRVLDLLQESGDLRDRLWENATHFRTRMSEAGF
TLAGADHAIIPIMLGDAKVAAEFAERALEKGIYVIGFSFPVVPKGQARIRTQMSAAHSREQLDKAIDAFIEVGRDMEIIK
;
_entity_poly.pdbx_strand_id   A,B
#
# COMPACT_ATOMS: atom_id res chain seq x y z
N SER A 5 2.00 -3.90 -31.65
CA SER A 5 2.34 -2.51 -31.93
C SER A 5 3.81 -2.22 -31.57
N ALA A 6 4.26 -1.01 -31.90
CA ALA A 6 5.63 -0.63 -31.58
C ALA A 6 5.88 -0.67 -30.07
N PHE A 7 4.90 -0.26 -29.27
CA PHE A 7 5.08 -0.21 -27.81
C PHE A 7 5.30 -1.60 -27.24
N TYR A 8 4.43 -2.54 -27.58
CA TYR A 8 4.58 -3.90 -27.06
C TYR A 8 5.87 -4.54 -27.55
N GLN A 9 6.30 -4.21 -28.77
CA GLN A 9 7.57 -4.71 -29.27
C GLN A 9 8.74 -4.17 -28.44
N GLN A 10 8.74 -2.86 -28.18
CA GLN A 10 9.75 -2.23 -27.32
C GLN A 10 9.81 -2.88 -25.94
N ILE A 11 8.64 -3.06 -25.32
CA ILE A 11 8.60 -3.69 -23.99
C ILE A 11 9.19 -5.09 -24.05
N GLN A 12 8.80 -5.87 -25.08
CA GLN A 12 9.30 -7.24 -25.20
C GLN A 12 10.81 -7.25 -25.39
N GLN A 13 11.34 -6.26 -26.09
CA GLN A 13 12.79 -6.17 -26.26
C GLN A 13 13.49 -5.83 -24.94
N GLN A 14 12.90 -4.95 -24.13
CA GLN A 14 13.47 -4.70 -22.80
C GLN A 14 13.50 -5.96 -21.96
N ILE A 15 12.42 -6.75 -22.00
CA ILE A 15 12.42 -8.02 -21.28
C ILE A 15 13.56 -8.90 -21.76
N GLU A 16 13.70 -9.03 -23.08
CA GLU A 16 14.78 -9.85 -23.64
C GLU A 16 16.14 -9.36 -23.19
N GLU A 17 16.34 -8.04 -23.17
CA GLU A 17 17.61 -7.49 -22.71
C GLU A 17 17.88 -7.86 -21.26
N VAL A 18 16.85 -7.83 -20.43
CA VAL A 18 17.02 -8.19 -19.02
C VAL A 18 17.35 -9.67 -18.88
N LYS A 19 16.68 -10.54 -19.65
CA LYS A 19 17.01 -11.95 -19.60
C LYS A 19 18.46 -12.19 -20.03
N ALA A 20 18.91 -11.45 -21.04
CA ALA A 20 20.27 -11.62 -21.55
C ALA A 20 21.31 -11.18 -20.54
N GLU A 21 21.01 -10.16 -19.73
CA GLU A 21 21.94 -9.75 -18.68
C GLU A 21 21.97 -10.73 -17.52
N GLY A 22 21.11 -11.74 -17.52
CA GLY A 22 20.99 -12.61 -16.37
C GLY A 22 20.29 -11.99 -15.17
N LEU A 23 19.47 -10.96 -15.39
CA LEU A 23 18.87 -10.20 -14.29
C LEU A 23 17.38 -10.45 -14.14
N TYR A 24 16.82 -11.40 -14.89
CA TYR A 24 15.40 -11.68 -14.87
C TYR A 24 14.97 -12.32 -13.55
N LYS A 25 13.88 -11.81 -12.96
CA LYS A 25 13.34 -12.36 -11.72
C LYS A 25 12.25 -13.37 -12.02
N SER A 26 12.40 -14.56 -11.44
CA SER A 26 11.41 -15.62 -11.51
C SER A 26 10.79 -15.81 -10.13
N GLU A 27 9.52 -16.19 -10.11
CA GLU A 27 8.80 -16.42 -8.86
C GLU A 27 8.72 -17.92 -8.61
N ARG A 28 9.17 -18.35 -7.44
CA ARG A 28 8.96 -19.73 -7.04
C ARG A 28 7.60 -19.86 -6.39
N ILE A 29 6.80 -20.82 -6.83
CA ILE A 29 5.41 -20.93 -6.39
C ILE A 29 5.39 -21.76 -5.11
N ILE A 30 5.09 -21.13 -3.98
CA ILE A 30 5.00 -21.84 -2.70
C ILE A 30 3.58 -22.37 -2.51
N THR A 31 3.46 -23.63 -2.11
CA THR A 31 2.16 -24.26 -1.93
C THR A 31 1.75 -24.49 -0.48
N SER A 32 2.64 -24.21 0.46
CA SER A 32 2.38 -24.31 1.88
C SER A 32 2.27 -22.90 2.48
N GLN A 33 2.14 -22.84 3.80
CA GLN A 33 2.29 -21.59 4.53
C GLN A 33 3.75 -21.16 4.57
N GLN A 34 3.95 -19.90 4.89
CA GLN A 34 5.27 -19.37 5.13
C GLN A 34 5.75 -19.85 6.49
N GLN A 35 6.91 -20.50 6.51
CA GLN A 35 7.42 -21.18 7.69
C GLN A 35 8.84 -21.64 7.37
N ALA A 36 9.47 -22.39 8.29
CA ALA A 36 10.84 -22.86 8.03
C ALA A 36 10.87 -23.83 6.87
N ALA A 37 9.91 -24.73 6.77
CA ALA A 37 9.92 -25.75 5.72
C ALA A 37 8.78 -25.49 4.75
N VAL A 38 9.09 -24.99 3.55
CA VAL A 38 8.06 -24.64 2.59
C VAL A 38 8.05 -25.65 1.45
N LYS A 39 6.90 -25.84 0.84
CA LYS A 39 6.79 -26.68 -0.34
C LYS A 39 6.65 -25.78 -1.57
N ILE A 40 7.39 -26.11 -2.61
CA ILE A 40 7.33 -25.37 -3.86
C ILE A 40 6.62 -26.23 -4.90
N ALA A 41 6.28 -25.60 -6.03
CA ALA A 41 5.37 -26.21 -6.99
C ALA A 41 5.95 -27.50 -7.58
N SER A 42 7.28 -27.60 -7.65
CA SER A 42 7.90 -28.84 -8.08
C SER A 42 7.50 -30.02 -7.21
N GLY A 43 7.14 -29.76 -5.96
CA GLY A 43 6.82 -30.78 -4.99
C GLY A 43 7.87 -30.90 -3.91
N GLU A 44 9.06 -30.33 -4.14
CA GLU A 44 10.11 -30.36 -3.13
C GLU A 44 9.72 -29.54 -1.91
N GLU A 45 10.19 -30.01 -0.76
CA GLU A 45 10.19 -29.24 0.47
C GLU A 45 11.59 -28.71 0.70
N VAL A 46 11.70 -27.41 0.96
CA VAL A 46 12.99 -26.75 1.13
C VAL A 46 12.94 -25.96 2.42
N LEU A 47 14.11 -25.76 3.02
CA LEU A 47 14.22 -24.89 4.19
C LEU A 47 14.37 -23.46 3.69
N ASN A 48 13.50 -22.56 4.16
CA ASN A 48 13.45 -21.18 3.67
C ASN A 48 14.37 -20.32 4.53
N PHE A 49 15.47 -19.83 3.93
CA PHE A 49 16.38 -18.92 4.62
C PHE A 49 16.41 -17.54 3.95
N CYS A 50 15.31 -17.13 3.34
CA CYS A 50 15.31 -15.82 2.70
C CYS A 50 14.03 -15.05 2.93
N ALA A 51 13.34 -15.32 4.06
CA ALA A 51 12.11 -14.61 4.40
C ALA A 51 12.38 -13.53 5.44
N ASN A 52 11.48 -12.53 5.47
CA ASN A 52 11.49 -11.54 6.52
C ASN A 52 10.67 -12.00 7.73
N ASN A 53 10.46 -13.32 7.88
CA ASN A 53 9.61 -13.94 8.92
C ASN A 53 10.40 -14.17 10.21
N TYR A 54 10.93 -13.06 10.76
CA TYR A 54 12.03 -13.17 11.71
C TYR A 54 11.64 -13.89 12.99
N LEU A 55 10.37 -13.79 13.41
CA LEU A 55 9.93 -14.44 14.65
C LEU A 55 9.01 -15.61 14.38
N GLY A 56 8.94 -16.06 13.14
CA GLY A 56 8.03 -17.13 12.79
C GLY A 56 6.56 -16.81 13.00
N LEU A 57 6.18 -15.53 12.97
CA LEU A 57 4.79 -15.19 13.22
C LEU A 57 3.92 -15.37 12.00
N ALA A 58 4.52 -15.50 10.81
CA ALA A 58 3.73 -15.53 9.57
C ALA A 58 2.72 -16.67 9.53
N ASN A 59 3.01 -17.80 10.24
CA ASN A 59 2.06 -18.89 10.36
C ASN A 59 1.74 -19.22 11.82
N HIS A 60 1.94 -18.30 12.73
CA HIS A 60 1.77 -18.62 14.15
C HIS A 60 0.28 -18.78 14.48
N PRO A 61 -0.10 -19.83 15.22
CA PRO A 61 -1.54 -20.09 15.45
C PRO A 61 -2.25 -18.94 16.14
N ALA A 62 -1.55 -18.17 16.96
CA ALA A 62 -2.21 -17.08 17.66
C ALA A 62 -2.67 -15.99 16.69
N LEU A 63 -1.86 -15.70 15.66
CA LEU A 63 -2.23 -14.68 14.68
C LEU A 63 -3.38 -15.18 13.81
N ILE A 64 -3.35 -16.45 13.43
CA ILE A 64 -4.43 -16.99 12.63
C ILE A 64 -5.75 -16.95 13.42
N GLU A 65 -5.69 -17.28 14.72
CA GLU A 65 -6.89 -17.23 15.56
C GLU A 65 -7.36 -15.78 15.76
N ALA A 66 -6.45 -14.87 16.04
CA ALA A 66 -6.84 -13.48 16.19
C ALA A 66 -7.37 -12.89 14.89
N GLY A 67 -6.86 -13.32 13.73
CA GLY A 67 -7.38 -12.86 12.46
C GLY A 67 -8.78 -13.36 12.17
N LYS A 68 -9.04 -14.63 12.48
CA LYS A 68 -10.39 -15.18 12.31
C LYS A 68 -11.38 -14.48 13.21
N ALA A 69 -11.01 -14.30 14.48
CA ALA A 69 -11.87 -13.60 15.42
C ALA A 69 -12.09 -12.15 14.98
N GLY A 70 -11.05 -11.50 14.46
CA GLY A 70 -11.20 -10.15 13.93
C GLY A 70 -12.18 -10.07 12.77
N MET A 71 -12.19 -11.09 11.93
CA MET A 71 -13.18 -11.11 10.87
C MET A 71 -14.59 -11.35 11.42
N ASP A 72 -14.72 -12.18 12.46
CA ASP A 72 -16.04 -12.41 13.01
C ASP A 72 -16.58 -11.17 13.71
N GLU A 73 -15.73 -10.40 14.37
CA GLU A 73 -16.21 -9.26 15.13
C GLU A 73 -16.24 -7.98 14.33
N HIS A 74 -15.32 -7.82 13.38
CA HIS A 74 -15.15 -6.56 12.67
C HIS A 74 -15.20 -6.69 11.17
N GLY A 75 -15.45 -7.89 10.62
CA GLY A 75 -15.78 -8.06 9.20
C GLY A 75 -14.57 -8.30 8.31
N PHE A 76 -14.82 -8.40 7.00
CA PHE A 76 -13.71 -8.69 6.11
C PHE A 76 -12.98 -7.41 5.64
N GLY A 77 -13.70 -6.34 5.27
CA GLY A 77 -13.05 -5.11 4.81
C GLY A 77 -13.81 -3.89 5.28
N MET A 78 -13.12 -2.73 5.24
CA MET A 78 -13.78 -1.46 5.54
C MET A 78 -14.41 -0.83 4.31
N ALA A 79 -13.89 -1.10 3.12
CA ALA A 79 -14.39 -0.49 1.87
C ALA A 79 -14.49 1.03 1.99
N SER A 80 -13.50 1.65 2.64
CA SER A 80 -13.48 3.09 2.82
C SER A 80 -12.09 3.50 3.27
N VAL A 81 -11.70 4.73 2.90
CA VAL A 81 -10.56 5.35 3.53
C VAL A 81 -10.92 5.70 4.98
N ARG A 82 -9.89 5.92 5.80
CA ARG A 82 -10.10 6.12 7.24
C ARG A 82 -11.08 7.24 7.54
N PHE A 83 -10.98 8.39 6.85
CA PHE A 83 -11.73 9.54 7.35
C PHE A 83 -13.19 9.53 6.92
N ILE A 84 -13.58 8.68 6.00
CA ILE A 84 -14.97 8.68 5.58
C ILE A 84 -15.73 7.71 6.48
N CYS A 85 -15.63 6.40 6.23
CA CYS A 85 -16.23 5.45 7.20
C CYS A 85 -15.35 4.20 7.33
N GLY A 86 -14.03 4.41 7.34
CA GLY A 86 -13.06 3.33 7.43
C GLY A 86 -12.37 3.13 8.77
N THR A 87 -12.78 3.84 9.83
CA THR A 87 -12.12 3.78 11.12
C THR A 87 -12.93 2.94 12.10
N GLN A 88 -12.35 1.85 12.55
CA GLN A 88 -12.99 1.06 13.62
C GLN A 88 -12.29 1.33 14.94
N ASP A 89 -12.97 0.94 16.03
CA ASP A 89 -12.30 1.07 17.32
C ASP A 89 -10.96 0.34 17.31
N ILE A 90 -10.88 -0.80 16.63
CA ILE A 90 -9.64 -1.59 16.64
C ILE A 90 -8.52 -0.88 15.86
N HIS A 91 -8.84 -0.07 14.84
CA HIS A 91 -7.78 0.75 14.23
C HIS A 91 -7.16 1.68 15.25
N LYS A 92 -7.99 2.37 16.05
CA LYS A 92 -7.48 3.27 17.07
C LYS A 92 -6.73 2.50 18.16
N GLU A 93 -7.24 1.32 18.50
CA GLU A 93 -6.56 0.49 19.50
C GLU A 93 -5.18 0.09 19.02
N LEU A 94 -5.07 -0.37 17.76
CA LEU A 94 -3.75 -0.73 17.24
C LEU A 94 -2.82 0.48 17.24
N GLU A 95 -3.32 1.66 16.85
CA GLU A 95 -2.44 2.82 16.81
C GLU A 95 -1.95 3.18 18.22
N GLN A 96 -2.83 3.12 19.20
CA GLN A 96 -2.41 3.42 20.57
C GLN A 96 -1.38 2.38 21.07
N LYS A 97 -1.62 1.11 20.76
CA LYS A 97 -0.70 0.07 21.24
C LYS A 97 0.67 0.21 20.57
N LEU A 98 0.67 0.51 19.26
CA LEU A 98 1.94 0.77 18.60
C LEU A 98 2.64 1.97 19.19
N SER A 99 1.89 3.03 19.48
CA SER A 99 2.47 4.23 20.08
C SER A 99 3.17 3.90 21.39
N THR A 100 2.49 3.16 22.27
CA THR A 100 3.09 2.82 23.56
C THR A 100 4.31 1.91 23.38
N PHE A 101 4.19 0.92 22.50
CA PHE A 101 5.31 0.02 22.19
C PHE A 101 6.54 0.77 21.68
N LEU A 102 6.37 1.75 20.81
CA LEU A 102 7.50 2.46 20.21
C LEU A 102 7.95 3.64 21.04
N GLY A 103 7.18 3.98 22.08
CA GLY A 103 7.53 5.13 22.87
C GLY A 103 7.24 6.44 22.22
N LYS A 104 6.20 6.51 21.38
CA LYS A 104 5.85 7.75 20.71
C LYS A 104 4.43 8.15 21.09
N GLU A 105 4.08 9.39 20.79
CA GLU A 105 2.80 9.92 21.23
C GLU A 105 1.65 9.35 20.43
N ASP A 106 1.82 9.20 19.13
CA ASP A 106 0.70 8.79 18.30
C ASP A 106 1.25 8.04 17.09
N THR A 107 0.35 7.32 16.43
CA THR A 107 0.70 6.47 15.29
C THR A 107 -0.42 6.53 14.25
N ILE A 108 -0.05 6.55 12.98
CA ILE A 108 -1.01 6.51 11.87
C ILE A 108 -0.72 5.27 11.01
N LEU A 109 -1.77 4.47 10.77
CA LEU A 109 -1.68 3.23 10.01
C LEU A 109 -1.83 3.51 8.52
N TYR A 110 -1.05 2.75 7.73
CA TYR A 110 -1.15 2.72 6.28
C TYR A 110 -1.26 1.28 5.83
N THR A 111 -1.66 1.06 4.58
CA THR A 111 -1.67 -0.33 4.18
C THR A 111 -0.28 -0.91 3.92
N SER A 112 0.79 -0.10 3.80
CA SER A 112 2.16 -0.62 3.75
C SER A 112 3.12 0.42 4.27
N CYS A 113 4.32 -0.03 4.67
CA CYS A 113 5.35 0.97 5.01
C CYS A 113 5.82 1.69 3.76
N PHE A 114 5.68 1.03 2.60
CA PHE A 114 5.96 1.71 1.33
C PHE A 114 5.16 3.00 1.23
N ASP A 115 3.85 2.94 1.56
CA ASP A 115 2.98 4.10 1.53
C ASP A 115 3.22 5.05 2.71
N ALA A 116 3.59 4.51 3.87
CA ALA A 116 3.92 5.39 5.00
C ALA A 116 5.08 6.31 4.61
N ASN A 117 6.13 5.75 4.02
CA ASN A 117 7.25 6.58 3.58
C ASN A 117 6.83 7.50 2.45
N ALA A 118 6.12 6.98 1.44
CA ALA A 118 5.68 7.86 0.34
C ALA A 118 4.80 9.01 0.83
N GLY A 119 3.98 8.75 1.86
CA GLY A 119 3.06 9.72 2.37
C GLY A 119 3.61 10.64 3.45
N LEU A 120 4.90 10.52 3.78
CA LEU A 120 5.46 11.29 4.89
C LEU A 120 6.07 12.60 4.42
N PHE A 121 7.11 12.55 3.56
CA PHE A 121 8.01 13.70 3.42
C PHE A 121 7.33 14.90 2.78
N GLU A 122 6.60 14.68 1.68
CA GLU A 122 5.98 15.84 1.06
C GLU A 122 4.88 16.44 1.94
N THR A 123 4.34 15.67 2.90
CA THR A 123 3.30 16.22 3.75
C THR A 123 3.87 17.18 4.80
N ILE A 124 5.09 16.95 5.27
CA ILE A 124 5.65 17.75 6.38
C ILE A 124 6.76 18.73 5.95
N LEU A 125 7.26 18.64 4.72
CA LEU A 125 8.42 19.42 4.29
C LEU A 125 8.16 19.97 2.89
N ASP A 126 8.72 21.15 2.62
CA ASP A 126 8.58 21.79 1.30
C ASP A 126 9.92 22.40 0.89
N LYS A 127 9.90 23.25 -0.14
CA LYS A 127 11.13 23.74 -0.77
C LYS A 127 12.00 24.55 0.18
N GLU A 128 11.42 25.13 1.22
CA GLU A 128 12.20 25.85 2.22
C GLU A 128 13.07 24.94 3.05
N ASP A 129 12.81 23.64 3.05
CA ASP A 129 13.41 22.68 3.97
C ASP A 129 14.44 21.82 3.28
N ALA A 130 15.06 20.95 4.06
CA ALA A 130 16.06 20.04 3.52
C ALA A 130 15.92 18.66 4.12
N ILE A 131 16.22 17.66 3.30
CA ILE A 131 16.26 16.26 3.70
C ILE A 131 17.67 15.73 3.47
N ILE A 132 18.26 15.11 4.48
CA ILE A 132 19.60 14.55 4.41
C ILE A 132 19.49 13.05 4.60
N SER A 133 19.85 12.28 3.56
CA SER A 133 19.60 10.85 3.51
C SER A 133 20.89 10.05 3.56
N ASP A 134 20.87 8.95 4.30
CA ASP A 134 21.89 7.94 4.13
C ASP A 134 21.83 7.34 2.72
N ALA A 135 22.98 7.19 2.08
CA ALA A 135 23.02 6.77 0.68
C ALA A 135 22.43 5.38 0.46
N LEU A 136 22.33 4.55 1.49
CA LEU A 136 21.83 3.18 1.35
C LEU A 136 20.35 3.02 1.64
N ASN A 137 19.59 4.11 1.73
CA ASN A 137 18.19 4.02 2.14
C ASN A 137 17.32 3.23 1.17
N HIS A 138 16.26 2.64 1.72
CA HIS A 138 15.26 1.84 1.02
C HIS A 138 14.55 2.63 -0.08
N ALA A 139 14.09 1.91 -1.10
CA ALA A 139 13.46 2.54 -2.25
C ALA A 139 12.20 3.31 -1.88
N SER A 140 11.40 2.81 -0.91
CA SER A 140 10.21 3.60 -0.60
C SER A 140 10.60 4.94 0.02
N ILE A 141 11.71 5.01 0.74
CA ILE A 141 12.18 6.30 1.22
C ILE A 141 12.57 7.19 0.06
N ILE A 142 13.39 6.65 -0.85
CA ILE A 142 13.78 7.40 -2.03
C ILE A 142 12.55 7.92 -2.78
N ASP A 143 11.52 7.10 -2.93
CA ASP A 143 10.35 7.55 -3.67
C ASP A 143 9.52 8.56 -2.88
N GLY A 144 9.44 8.44 -1.55
CA GLY A 144 8.82 9.50 -0.77
C GLY A 144 9.56 10.82 -0.92
N VAL A 145 10.89 10.77 -0.91
CA VAL A 145 11.69 11.97 -1.09
C VAL A 145 11.46 12.58 -2.47
N ARG A 146 11.29 11.73 -3.49
CA ARG A 146 11.09 12.24 -4.86
C ARG A 146 9.82 13.07 -4.99
N LEU A 147 8.78 12.76 -4.22
CA LEU A 147 7.57 13.59 -4.21
C LEU A 147 7.74 14.87 -3.39
N CYS A 148 8.81 14.97 -2.60
CA CYS A 148 9.03 16.10 -1.71
C CYS A 148 9.84 17.18 -2.42
N LYS A 149 9.45 18.44 -2.23
CA LYS A 149 10.14 19.56 -2.85
C LYS A 149 11.32 20.08 -2.04
N ALA A 150 11.66 19.46 -0.91
CA ALA A 150 12.77 19.92 -0.09
C ALA A 150 14.09 19.76 -0.83
N MET A 151 15.07 20.56 -0.42
CA MET A 151 16.44 20.36 -0.89
C MET A 151 16.95 19.00 -0.42
N ARG A 152 17.68 18.32 -1.30
CA ARG A 152 18.18 16.98 -1.01
C ARG A 152 19.69 16.96 -0.83
N PHE A 153 20.14 16.28 0.21
CA PHE A 153 21.55 16.01 0.45
C PHE A 153 21.65 14.55 0.81
N ARG A 154 22.79 13.95 0.47
CA ARG A 154 23.02 12.53 0.65
C ARG A 154 24.39 12.39 1.29
N TYR A 155 24.52 11.46 2.24
CA TYR A 155 25.82 11.10 2.79
C TYR A 155 26.09 9.63 2.55
N SER A 156 27.35 9.29 2.32
CA SER A 156 27.73 7.89 2.14
C SER A 156 27.31 7.09 3.35
N ASN A 157 26.98 5.82 3.09
CA ASN A 157 26.45 4.92 4.09
C ASN A 157 27.24 4.98 5.39
N ASN A 158 26.53 5.25 6.48
CA ASN A 158 27.10 5.14 7.82
C ASN A 158 28.24 6.14 8.07
N ASN A 159 28.37 7.19 7.25
CA ASN A 159 29.50 8.12 7.30
C ASN A 159 29.10 9.41 8.02
N MET A 160 29.43 9.51 9.32
CA MET A 160 29.05 10.66 10.12
C MET A 160 29.82 11.92 9.72
N THR A 161 30.99 11.75 9.08
CA THR A 161 31.71 12.92 8.59
C THR A 161 30.97 13.57 7.44
N GLU A 162 30.54 12.77 6.46
CA GLU A 162 29.74 13.31 5.38
C GLU A 162 28.39 13.81 5.88
N LEU A 163 27.86 13.21 6.95
CA LEU A 163 26.60 13.70 7.48
C LEU A 163 26.77 15.11 8.04
N GLU A 164 27.83 15.32 8.83
CA GLU A 164 28.10 16.66 9.35
C GLU A 164 28.31 17.64 8.20
N GLU A 165 29.06 17.23 7.17
CA GLU A 165 29.26 18.08 6.02
C GLU A 165 27.94 18.47 5.35
N GLN A 166 27.03 17.50 5.17
CA GLN A 166 25.76 17.78 4.53
C GLN A 166 24.86 18.63 5.41
N LEU A 167 24.95 18.47 6.74
CA LEU A 167 24.23 19.34 7.66
C LEU A 167 24.71 20.78 7.53
N ILE A 168 26.03 20.95 7.41
CA ILE A 168 26.59 22.28 7.22
C ILE A 168 26.14 22.86 5.89
N ALA A 169 26.17 22.05 4.83
CA ALA A 169 25.71 22.50 3.52
C ALA A 169 24.24 22.88 3.53
N ALA A 170 23.43 22.16 4.31
CA ALA A 170 22.00 22.44 4.39
C ALA A 170 21.74 23.74 5.16
N LYS A 171 22.42 23.90 6.30
CA LYS A 171 22.44 25.19 6.97
C LYS A 171 22.85 26.31 6.01
N ASP A 172 23.95 26.11 5.27
CA ASP A 172 24.44 27.16 4.38
C ASP A 172 23.42 27.53 3.31
N ALA A 173 22.62 26.56 2.85
CA ALA A 173 21.63 26.84 1.82
C ALA A 173 20.39 27.53 2.35
N GLY A 174 20.32 27.78 3.66
CA GLY A 174 19.19 28.47 4.25
C GLY A 174 18.04 27.57 4.67
N ALA A 175 18.27 26.27 4.85
CA ALA A 175 17.19 25.35 5.16
C ALA A 175 16.45 25.77 6.43
N ARG A 176 15.12 25.86 6.32
CA ARG A 176 14.26 26.12 7.48
C ARG A 176 14.24 24.92 8.40
N ASN A 177 13.55 23.83 8.00
CA ASN A 177 13.58 22.58 8.74
C ASN A 177 14.53 21.63 8.03
N ILE A 178 15.21 20.79 8.81
CA ILE A 178 16.15 19.80 8.29
C ILE A 178 15.75 18.45 8.86
N LEU A 179 15.61 17.46 7.99
CA LEU A 179 15.28 16.10 8.42
C LEU A 179 16.36 15.12 7.97
N ILE A 180 17.00 14.46 8.92
CA ILE A 180 17.92 13.35 8.64
C ILE A 180 17.11 12.07 8.59
N VAL A 181 17.30 11.28 7.54
CA VAL A 181 16.48 10.10 7.26
C VAL A 181 17.40 8.91 7.06
N THR A 182 17.21 7.87 7.84
CA THR A 182 18.01 6.67 7.68
C THR A 182 17.15 5.43 7.89
N ASP A 183 17.47 4.36 7.16
CA ASP A 183 17.03 3.04 7.56
C ASP A 183 17.64 2.74 8.92
N GLY A 184 16.89 2.04 9.77
CA GLY A 184 17.44 1.62 11.04
C GLY A 184 18.43 0.48 10.90
N VAL A 185 18.20 -0.38 9.92
CA VAL A 185 19.08 -1.51 9.60
C VAL A 185 19.33 -1.47 8.10
N PHE A 186 20.59 -1.53 7.71
CA PHE A 186 20.87 -1.54 6.27
C PHE A 186 20.70 -2.98 5.80
N SER A 187 19.64 -3.23 5.05
CA SER A 187 19.09 -4.57 4.90
C SER A 187 19.88 -5.50 3.97
N MET A 188 20.92 -5.03 3.28
CA MET A 188 21.81 -5.95 2.56
C MET A 188 23.04 -6.30 3.37
N ASP A 189 23.27 -5.58 4.47
CA ASP A 189 24.48 -5.74 5.27
C ASP A 189 24.22 -6.32 6.66
N GLY A 190 23.00 -6.23 7.18
CA GLY A 190 22.77 -6.60 8.57
C GLY A 190 23.49 -5.71 9.55
N VAL A 191 23.57 -4.42 9.24
CA VAL A 191 24.26 -3.43 10.05
C VAL A 191 23.21 -2.49 10.61
N VAL A 192 23.27 -2.23 11.93
CA VAL A 192 22.39 -1.24 12.57
C VAL A 192 22.97 0.16 12.40
N ALA A 193 22.10 1.11 12.04
CA ALA A 193 22.52 2.49 11.83
C ALA A 193 23.09 3.08 13.13
N ASN A 194 23.94 4.10 12.98
CA ASN A 194 24.66 4.73 14.10
C ASN A 194 23.80 5.83 14.70
N LEU A 195 22.69 5.41 15.30
CA LEU A 195 21.74 6.39 15.82
C LEU A 195 22.35 7.34 16.86
N PRO A 196 23.19 6.90 17.80
CA PRO A 196 23.79 7.87 18.75
C PRO A 196 24.53 9.00 18.06
N ALA A 197 25.36 8.68 17.07
CA ALA A 197 26.10 9.72 16.35
C ALA A 197 25.17 10.62 15.57
N ILE A 198 24.12 10.04 14.96
CA ILE A 198 23.17 10.83 14.19
C ILE A 198 22.46 11.81 15.09
N CYS A 199 22.00 11.33 16.24
CA CYS A 199 21.26 12.20 17.15
C CYS A 199 22.15 13.31 17.68
N ASP A 200 23.42 12.99 17.98
CA ASP A 200 24.33 14.05 18.38
C ASP A 200 24.45 15.12 17.31
N LEU A 201 24.58 14.71 16.04
CA LEU A 201 24.72 15.70 14.98
C LEU A 201 23.42 16.48 14.77
N ALA A 202 22.28 15.81 14.93
CA ALA A 202 20.99 16.47 14.79
C ALA A 202 20.80 17.51 15.88
N GLU A 203 21.18 17.17 17.11
CA GLU A 203 21.11 18.15 18.18
C GLU A 203 22.07 19.31 17.92
N LYS A 204 23.27 19.01 17.42
CA LYS A 204 24.25 20.07 17.22
C LYS A 204 23.81 21.03 16.11
N TYR A 205 23.20 20.50 15.06
CA TYR A 205 22.86 21.33 13.92
C TYR A 205 21.38 21.68 13.87
N GLY A 206 20.60 21.29 14.87
CA GLY A 206 19.19 21.67 14.85
C GLY A 206 18.36 20.95 13.80
N ALA A 207 18.51 19.63 13.72
CA ALA A 207 17.80 18.82 12.74
C ALA A 207 16.85 17.85 13.44
N LEU A 208 15.78 17.49 12.73
CA LEU A 208 14.89 16.40 13.11
C LEU A 208 15.46 15.08 12.60
N THR A 209 15.10 13.99 13.26
CA THR A 209 15.56 12.66 12.84
C THR A 209 14.41 11.74 12.50
N MET A 210 14.59 10.93 11.45
CA MET A 210 13.60 9.94 11.11
C MET A 210 14.30 8.62 10.81
N VAL A 211 13.72 7.54 11.34
CA VAL A 211 14.23 6.19 11.18
C VAL A 211 13.13 5.32 10.61
N ASP A 212 13.44 4.64 9.50
CA ASP A 212 12.61 3.54 8.99
C ASP A 212 13.09 2.27 9.65
N ASP A 213 12.27 1.73 10.58
CA ASP A 213 12.67 0.58 11.37
C ASP A 213 12.03 -0.72 10.90
N SER A 214 11.65 -0.81 9.61
CA SER A 214 10.93 -1.99 9.11
C SER A 214 11.63 -3.32 9.41
N HIS A 215 12.98 -3.36 9.29
CA HIS A 215 13.71 -4.60 9.51
C HIS A 215 14.11 -4.80 10.96
N ALA A 216 13.61 -3.97 11.86
CA ALA A 216 14.01 -4.05 13.25
C ALA A 216 12.83 -4.22 14.20
N VAL A 217 11.68 -3.60 13.88
CA VAL A 217 10.56 -3.66 14.83
C VAL A 217 10.13 -5.10 15.06
N GLY A 218 9.88 -5.42 16.32
CA GLY A 218 9.53 -6.74 16.74
C GLY A 218 10.64 -7.44 17.51
N PHE A 219 11.91 -7.17 17.21
CA PHE A 219 12.96 -7.97 17.81
C PHE A 219 14.25 -7.23 18.16
N MET A 220 14.46 -6.00 17.71
CA MET A 220 15.63 -5.23 18.14
C MET A 220 15.31 -4.45 19.43
N GLY A 221 16.29 -4.36 20.34
CA GLY A 221 16.07 -3.74 21.64
C GLY A 221 15.42 -4.70 22.63
N LYS A 222 15.48 -4.33 23.92
CA LYS A 222 15.05 -5.24 25.00
C LYS A 222 13.61 -5.71 24.84
N THR A 223 12.69 -4.81 24.47
CA THR A 223 11.31 -5.21 24.29
C THR A 223 10.98 -5.53 22.83
N GLY A 224 11.96 -5.41 21.93
CA GLY A 224 11.73 -5.55 20.51
C GLY A 224 11.17 -4.32 19.85
N ALA A 225 11.32 -3.14 20.49
CA ALA A 225 10.70 -1.90 20.01
C ALA A 225 11.41 -1.30 18.80
N GLY A 226 12.71 -1.59 18.61
CA GLY A 226 13.41 -1.16 17.42
C GLY A 226 14.84 -0.75 17.71
N THR A 227 15.45 -0.14 16.70
CA THR A 227 16.85 0.24 16.84
C THR A 227 17.00 1.46 17.74
N HIS A 228 15.95 2.28 17.88
CA HIS A 228 16.04 3.39 18.83
C HIS A 228 16.06 2.90 20.28
N GLU A 229 15.43 1.77 20.56
CA GLU A 229 15.53 1.14 21.86
C GLU A 229 16.88 0.44 22.03
N TYR A 230 17.30 -0.30 21.01
CA TYR A 230 18.61 -0.92 20.98
C TYR A 230 19.73 0.06 21.30
N HIS A 231 19.66 1.27 20.75
CA HIS A 231 20.71 2.27 20.94
C HIS A 231 20.40 3.23 22.08
N ASP A 232 19.30 3.00 22.80
CA ASP A 232 18.91 3.85 23.93
C ASP A 232 18.82 5.33 23.53
N VAL A 233 18.15 5.58 22.41
CA VAL A 233 17.89 6.95 21.95
C VAL A 233 16.40 7.10 21.65
N VAL A 234 15.56 6.39 22.39
CA VAL A 234 14.13 6.32 22.07
C VAL A 234 13.54 7.72 21.96
N ASP A 235 13.88 8.60 22.91
CA ASP A 235 13.28 9.94 22.91
C ASP A 235 14.00 10.92 22.03
N ARG A 236 15.03 10.49 21.32
CA ARG A 236 15.76 11.38 20.44
C ARG A 236 15.47 11.12 18.95
N ILE A 237 14.71 10.07 18.62
CA ILE A 237 14.25 9.83 17.24
C ILE A 237 12.87 10.46 17.11
N ASP A 238 12.76 11.50 16.27
CA ASP A 238 11.51 12.27 16.17
C ASP A 238 10.41 11.47 15.47
N ILE A 239 10.75 10.85 14.33
CA ILE A 239 9.74 10.13 13.55
C ILE A 239 10.24 8.72 13.28
N ILE A 240 9.37 7.74 13.45
CA ILE A 240 9.68 6.35 13.17
C ILE A 240 8.68 5.81 12.17
N THR A 241 9.16 5.15 11.11
CA THR A 241 8.21 4.38 10.31
C THR A 241 8.52 2.91 10.45
N GLY A 242 7.55 2.09 10.04
CA GLY A 242 7.81 0.66 10.12
C GLY A 242 6.72 -0.09 9.39
N THR A 243 6.82 -1.39 9.44
CA THR A 243 5.92 -2.27 8.73
C THR A 243 5.40 -3.32 9.70
N LEU A 244 4.20 -3.81 9.41
CA LEU A 244 3.73 -5.02 10.05
C LEU A 244 4.07 -6.24 9.21
N GLY A 245 4.67 -6.04 8.05
CA GLY A 245 4.81 -7.16 7.16
C GLY A 245 6.10 -7.93 7.29
N LYS A 246 6.90 -7.68 8.32
CA LYS A 246 8.11 -8.48 8.49
C LYS A 246 7.99 -9.26 9.82
N ALA A 247 8.75 -8.88 10.86
CA ALA A 247 8.74 -9.63 12.11
C ALA A 247 7.38 -9.60 12.79
N MET A 248 6.62 -8.52 12.61
CA MET A 248 5.36 -8.34 13.38
C MET A 248 4.20 -9.12 12.80
N GLY A 249 4.43 -10.09 11.93
CA GLY A 249 3.34 -10.91 11.47
C GLY A 249 3.41 -11.27 10.00
N GLY A 250 3.89 -10.35 9.14
CA GLY A 250 4.16 -10.74 7.77
C GLY A 250 3.02 -10.58 6.79
N ALA A 251 1.84 -10.09 7.23
CA ALA A 251 0.72 -9.96 6.31
C ALA A 251 0.91 -8.72 5.44
N SER A 252 0.75 -7.53 6.02
CA SER A 252 0.91 -6.25 5.34
C SER A 252 0.51 -5.17 6.33
N GLY A 253 0.66 -3.90 5.95
CA GLY A 253 0.40 -2.84 6.91
C GLY A 253 1.69 -2.11 7.21
N GLY A 254 1.60 -0.80 7.40
CA GLY A 254 2.75 0.00 7.80
C GLY A 254 2.27 1.14 8.68
N TYR A 255 3.20 1.92 9.18
CA TYR A 255 2.77 3.00 10.06
C TYR A 255 3.85 4.06 10.15
N THR A 256 3.42 5.24 10.57
CA THR A 256 4.33 6.30 10.99
C THR A 256 3.98 6.66 12.42
N SER A 257 5.00 6.90 13.23
CA SER A 257 4.80 7.12 14.65
C SER A 257 5.64 8.30 15.10
N GLY A 258 5.08 9.14 15.97
CA GLY A 258 5.80 10.34 16.37
C GLY A 258 4.91 11.22 17.24
N LYS A 259 5.25 12.50 17.26
CA LYS A 259 4.52 13.52 18.03
C LYS A 259 3.11 13.72 17.52
N LYS A 260 2.17 13.98 18.44
CA LYS A 260 0.77 14.13 18.06
C LYS A 260 0.55 15.14 16.94
N GLU A 261 1.28 16.26 16.93
CA GLU A 261 1.11 17.26 15.86
C GLU A 261 1.39 16.66 14.48
N VAL A 262 2.53 15.98 14.34
CA VAL A 262 2.89 15.43 13.03
C VAL A 262 1.87 14.38 12.60
N ILE A 263 1.49 13.49 13.51
CA ILE A 263 0.57 12.41 13.14
C ILE A 263 -0.80 12.97 12.77
N GLU A 264 -1.29 13.97 13.52
CA GLU A 264 -2.56 14.61 13.18
C GLU A 264 -2.49 15.25 11.80
N TRP A 265 -1.38 15.93 11.51
CA TRP A 265 -1.22 16.56 10.20
C TRP A 265 -1.18 15.51 9.08
N LEU A 266 -0.55 14.37 9.34
CA LEU A 266 -0.58 13.26 8.37
C LEU A 266 -2.02 12.78 8.14
N ARG A 267 -2.81 12.66 9.21
CA ARG A 267 -4.20 12.27 9.00
C ARG A 267 -4.93 13.29 8.14
N GLN A 268 -4.59 14.59 8.27
CA GLN A 268 -5.30 15.60 7.48
C GLN A 268 -4.88 15.61 6.02
N ARG A 269 -3.62 15.28 5.73
CA ARG A 269 -3.00 15.64 4.46
C ARG A 269 -2.20 14.53 3.77
N SER A 270 -1.84 13.43 4.44
CA SER A 270 -1.00 12.43 3.80
C SER A 270 -1.78 11.71 2.70
N ARG A 271 -1.32 11.82 1.45
CA ARG A 271 -2.16 11.38 0.34
C ARG A 271 -2.44 9.88 0.36
N PRO A 272 -1.49 8.97 0.68
CA PRO A 272 -1.89 7.55 0.72
C PRO A 272 -2.93 7.28 1.79
N TYR A 273 -2.92 8.04 2.87
CA TYR A 273 -3.91 7.84 3.93
C TYR A 273 -5.27 8.36 3.51
N LEU A 274 -5.32 9.45 2.74
CA LEU A 274 -6.60 9.99 2.27
C LEU A 274 -7.21 9.18 1.13
N PHE A 275 -6.37 8.56 0.32
CA PHE A 275 -6.81 8.01 -0.95
C PHE A 275 -6.62 6.51 -1.03
N SER A 276 -6.33 5.84 0.09
CA SER A 276 -6.16 4.40 0.01
C SER A 276 -6.98 3.76 1.13
N ASN A 277 -7.40 2.53 0.88
CA ASN A 277 -8.29 1.80 1.80
C ASN A 277 -7.70 1.74 3.19
N SER A 278 -8.56 1.81 4.20
CA SER A 278 -8.15 1.52 5.56
C SER A 278 -7.68 0.05 5.68
N VAL A 279 -6.81 -0.23 6.67
CA VAL A 279 -6.22 -1.58 6.83
C VAL A 279 -7.32 -2.60 7.18
N ALA A 280 -7.21 -3.82 6.62
CA ALA A 280 -8.25 -4.84 6.78
C ALA A 280 -8.37 -5.29 8.24
N PRO A 281 -9.59 -5.41 8.79
CA PRO A 281 -9.75 -5.75 10.22
C PRO A 281 -9.00 -6.99 10.68
N ALA A 282 -8.88 -8.02 9.85
CA ALA A 282 -8.16 -9.22 10.27
C ALA A 282 -6.70 -8.91 10.60
N ILE A 283 -6.08 -8.06 9.79
CA ILE A 283 -4.68 -7.69 10.01
C ILE A 283 -4.58 -6.81 11.24
N VAL A 284 -5.51 -5.87 11.43
CA VAL A 284 -5.48 -5.02 12.61
C VAL A 284 -5.61 -5.88 13.86
N SER A 285 -6.57 -6.80 13.86
CA SER A 285 -6.84 -7.64 15.03
C SER A 285 -5.64 -8.55 15.36
N ALA A 286 -5.08 -9.18 14.33
CA ALA A 286 -3.88 -9.99 14.55
C ALA A 286 -2.72 -9.15 15.07
N SER A 287 -2.57 -7.90 14.61
CA SER A 287 -1.46 -7.07 15.10
C SER A 287 -1.66 -6.64 16.54
N ILE A 288 -2.91 -6.40 16.93
CA ILE A 288 -3.18 -6.12 18.34
C ILE A 288 -2.70 -7.31 19.20
N ARG A 289 -3.05 -8.51 18.74
CA ARG A 289 -2.61 -9.74 19.43
C ARG A 289 -1.09 -9.84 19.48
N VAL A 290 -0.41 -9.56 18.35
CA VAL A 290 1.05 -9.65 18.30
C VAL A 290 1.65 -8.78 19.37
N LEU A 291 1.16 -7.54 19.48
CA LEU A 291 1.75 -6.66 20.46
C LEU A 291 1.61 -7.21 21.88
N ASP A 292 0.52 -7.93 22.17
CA ASP A 292 0.46 -8.55 23.51
C ASP A 292 1.39 -9.77 23.62
N LEU A 293 1.37 -10.65 22.61
CA LEU A 293 2.18 -11.85 22.58
C LEU A 293 3.68 -11.57 22.76
N LEU A 294 4.17 -10.50 22.16
CA LEU A 294 5.60 -10.22 22.21
C LEU A 294 6.03 -9.69 23.57
N GLN A 295 5.11 -9.12 24.35
CA GLN A 295 5.43 -8.73 25.71
C GLN A 295 5.13 -9.86 26.70
N GLU A 296 4.30 -10.82 26.31
CA GLU A 296 4.00 -11.99 27.13
C GLU A 296 5.17 -12.96 27.20
N SER A 297 5.96 -13.07 26.15
CA SER A 297 7.01 -14.07 26.16
C SER A 297 8.12 -13.63 25.21
N GLY A 298 9.36 -13.78 25.68
CA GLY A 298 10.51 -13.47 24.87
C GLY A 298 11.12 -14.70 24.24
N ASP A 299 10.38 -15.82 24.25
CA ASP A 299 10.89 -17.07 23.68
C ASP A 299 11.23 -16.93 22.19
N LEU A 300 10.35 -16.31 21.40
CA LEU A 300 10.61 -16.22 19.96
C LEU A 300 11.85 -15.39 19.67
N ARG A 301 11.98 -14.23 20.32
CA ARG A 301 13.20 -13.44 20.20
C ARG A 301 14.42 -14.23 20.64
N ASP A 302 14.29 -14.99 21.74
CA ASP A 302 15.44 -15.76 22.23
C ASP A 302 15.88 -16.79 21.20
N ARG A 303 14.92 -17.51 20.64
CA ARG A 303 15.23 -18.51 19.62
C ARG A 303 15.89 -17.86 18.41
N LEU A 304 15.38 -16.69 17.98
CA LEU A 304 16.01 -15.94 16.90
C LEU A 304 17.49 -15.66 17.18
N TRP A 305 17.79 -15.06 18.34
CA TRP A 305 19.16 -14.69 18.62
C TRP A 305 20.04 -15.91 18.88
N GLU A 306 19.47 -16.97 19.43
CA GLU A 306 20.22 -18.21 19.59
C GLU A 306 20.62 -18.77 18.24
N ASN A 307 19.67 -18.82 17.30
CA ASN A 307 19.96 -19.27 15.94
C ASN A 307 21.04 -18.40 15.29
N ALA A 308 20.90 -17.08 15.44
CA ALA A 308 21.83 -16.15 14.84
C ALA A 308 23.24 -16.39 15.37
N THR A 309 23.36 -16.49 16.70
CA THR A 309 24.67 -16.73 17.30
C THR A 309 25.26 -18.04 16.83
N HIS A 310 24.46 -19.10 16.80
CA HIS A 310 24.95 -20.41 16.39
C HIS A 310 25.40 -20.39 14.93
N PHE A 311 24.62 -19.73 14.08
CA PHE A 311 24.95 -19.61 12.66
C PHE A 311 26.28 -18.89 12.47
N ARG A 312 26.46 -17.76 13.16
CA ARG A 312 27.73 -17.06 13.03
C ARG A 312 28.91 -17.92 13.51
N THR A 313 28.72 -18.64 14.61
CA THR A 313 29.81 -19.48 15.12
C THR A 313 30.18 -20.59 14.13
N ARG A 314 29.22 -21.45 13.78
CA ARG A 314 29.55 -22.55 12.88
C ARG A 314 30.05 -22.02 11.52
N MET A 315 29.45 -20.95 11.01
CA MET A 315 29.84 -20.50 9.66
C MET A 315 31.20 -19.79 9.66
N SER A 316 31.49 -18.95 10.65
CA SER A 316 32.82 -18.36 10.74
C SER A 316 33.89 -19.43 10.92
N GLU A 317 33.61 -20.38 11.82
CA GLU A 317 34.62 -21.41 12.10
C GLU A 317 34.86 -22.29 10.89
N ALA A 318 33.89 -22.42 9.99
CA ALA A 318 34.16 -23.20 8.79
C ALA A 318 34.93 -22.42 7.73
N GLY A 319 35.14 -21.12 7.92
CA GLY A 319 35.88 -20.30 6.96
C GLY A 319 35.06 -19.29 6.19
N PHE A 320 33.75 -19.19 6.41
CA PHE A 320 32.96 -18.20 5.68
C PHE A 320 33.18 -16.77 6.20
N THR A 321 33.09 -15.81 5.30
CA THR A 321 33.06 -14.40 5.66
C THR A 321 31.61 -13.94 5.76
N LEU A 322 31.22 -13.39 6.91
CA LEU A 322 29.84 -12.97 7.19
C LEU A 322 29.78 -11.48 7.48
N ALA A 323 28.76 -10.81 6.93
CA ALA A 323 28.65 -9.37 7.15
C ALA A 323 27.82 -9.06 8.41
N GLY A 324 27.94 -7.82 8.86
CA GLY A 324 27.03 -7.26 9.86
C GLY A 324 27.32 -7.62 11.30
N ALA A 325 26.48 -7.07 12.18
CA ALA A 325 26.56 -7.36 13.60
C ALA A 325 25.20 -7.06 14.23
N ASP A 326 24.77 -7.97 15.10
CA ASP A 326 23.61 -7.80 16.00
C ASP A 326 22.26 -7.81 15.27
N HIS A 327 22.17 -8.48 14.11
CA HIS A 327 20.90 -8.52 13.41
C HIS A 327 20.66 -9.91 12.86
N ALA A 328 19.40 -10.16 12.49
CA ALA A 328 19.00 -11.43 11.93
C ALA A 328 19.44 -11.59 10.48
N ILE A 329 19.76 -10.51 9.81
CA ILE A 329 20.35 -10.61 8.47
C ILE A 329 21.84 -10.81 8.65
N ILE A 330 22.33 -11.98 8.20
CA ILE A 330 23.72 -12.39 8.29
C ILE A 330 24.19 -12.86 6.91
N PRO A 331 24.63 -11.93 6.07
CA PRO A 331 24.98 -12.29 4.71
C PRO A 331 26.28 -13.08 4.66
N ILE A 332 26.29 -14.08 3.79
CA ILE A 332 27.51 -14.81 3.44
C ILE A 332 28.17 -14.02 2.31
N MET A 333 29.35 -13.44 2.58
CA MET A 333 29.99 -12.59 1.58
C MET A 333 30.77 -13.45 0.58
N LEU A 334 30.44 -13.37 -0.70
CA LEU A 334 31.09 -14.21 -1.70
C LEU A 334 31.79 -13.43 -2.80
N GLY A 335 31.55 -12.12 -2.90
CA GLY A 335 32.29 -11.22 -3.78
C GLY A 335 31.85 -11.25 -5.23
N ASP A 336 31.95 -12.44 -5.81
CA ASP A 336 31.77 -12.65 -7.24
C ASP A 336 30.32 -13.06 -7.53
N ALA A 337 29.68 -12.37 -8.47
CA ALA A 337 28.26 -12.60 -8.75
C ALA A 337 27.99 -14.03 -9.26
N LYS A 338 28.84 -14.55 -10.16
CA LYS A 338 28.65 -15.90 -10.64
C LYS A 338 28.83 -16.92 -9.53
N VAL A 339 29.81 -16.70 -8.66
CA VAL A 339 30.00 -17.57 -7.51
C VAL A 339 28.75 -17.56 -6.63
N ALA A 340 28.20 -16.36 -6.36
CA ALA A 340 27.00 -16.32 -5.50
C ALA A 340 25.83 -17.02 -6.15
N ALA A 341 25.66 -16.87 -7.47
CA ALA A 341 24.54 -17.51 -8.16
C ALA A 341 24.68 -19.03 -8.10
N GLU A 342 25.88 -19.52 -8.33
CA GLU A 342 26.13 -20.96 -8.26
C GLU A 342 25.93 -21.48 -6.85
N PHE A 343 26.37 -20.71 -5.85
CA PHE A 343 26.17 -21.10 -4.46
C PHE A 343 24.69 -21.28 -4.15
N ALA A 344 23.84 -20.31 -4.57
CA ALA A 344 22.41 -20.43 -4.33
C ALA A 344 21.84 -21.65 -5.03
N GLU A 345 22.29 -21.91 -6.29
CA GLU A 345 21.79 -23.08 -7.04
C GLU A 345 22.15 -24.39 -6.35
N ARG A 346 23.39 -24.51 -5.89
CA ARG A 346 23.85 -25.70 -5.19
C ARG A 346 23.17 -25.89 -3.84
N ALA A 347 22.92 -24.79 -3.12
CA ALA A 347 22.19 -24.89 -1.86
C ALA A 347 20.79 -25.43 -2.09
N LEU A 348 20.13 -24.96 -3.16
CA LEU A 348 18.79 -25.48 -3.48
C LEU A 348 18.82 -26.96 -3.77
N GLU A 349 19.84 -27.43 -4.48
CA GLU A 349 19.94 -28.87 -4.72
C GLU A 349 20.00 -29.66 -3.43
N LYS A 350 20.53 -29.07 -2.37
CA LYS A 350 20.56 -29.73 -1.08
C LYS A 350 19.37 -29.34 -0.19
N GLY A 351 18.33 -28.72 -0.75
CA GLY A 351 17.11 -28.48 -0.02
C GLY A 351 17.05 -27.19 0.78
N ILE A 352 17.93 -26.22 0.51
CA ILE A 352 17.95 -24.96 1.23
C ILE A 352 17.65 -23.85 0.23
N TYR A 353 16.69 -23.01 0.57
CA TYR A 353 16.27 -21.94 -0.33
C TYR A 353 16.88 -20.65 0.18
N VAL A 354 17.86 -20.09 -0.57
CA VAL A 354 18.47 -18.81 -0.24
C VAL A 354 18.42 -17.95 -1.50
N ILE A 355 18.71 -16.66 -1.32
CA ILE A 355 18.77 -15.74 -2.44
C ILE A 355 20.11 -15.02 -2.42
N GLY A 356 20.74 -14.90 -3.59
CA GLY A 356 21.96 -14.14 -3.73
C GLY A 356 21.67 -12.76 -4.33
N PHE A 357 22.52 -11.79 -3.98
CA PHE A 357 22.41 -10.45 -4.50
C PHE A 357 23.75 -9.97 -5.03
N SER A 358 23.70 -9.23 -6.13
CA SER A 358 24.90 -8.66 -6.70
C SER A 358 24.52 -7.34 -7.34
N PHE A 359 25.50 -6.70 -7.98
CA PHE A 359 25.27 -5.37 -8.54
C PHE A 359 24.10 -5.42 -9.52
N PRO A 360 23.23 -4.39 -9.53
CA PRO A 360 23.24 -3.13 -8.78
C PRO A 360 22.67 -3.16 -7.36
N VAL A 361 22.20 -4.31 -6.89
CA VAL A 361 21.60 -4.35 -5.55
C VAL A 361 22.64 -4.11 -4.46
N VAL A 362 23.85 -4.67 -4.61
CA VAL A 362 24.96 -4.46 -3.69
C VAL A 362 26.17 -4.08 -4.54
N PRO A 363 27.25 -3.55 -3.98
CA PRO A 363 28.38 -3.14 -4.83
C PRO A 363 29.01 -4.27 -5.64
N LYS A 364 29.56 -3.87 -6.80
CA LYS A 364 30.37 -4.80 -7.58
C LYS A 364 31.49 -5.39 -6.73
N GLY A 365 31.71 -6.68 -6.88
CA GLY A 365 32.73 -7.31 -6.10
C GLY A 365 32.33 -7.61 -4.68
N GLN A 366 31.07 -7.35 -4.31
CA GLN A 366 30.60 -7.62 -2.96
C GLN A 366 29.28 -8.37 -3.00
N ALA A 367 29.16 -9.30 -3.96
CA ALA A 367 28.01 -10.17 -4.06
C ALA A 367 27.90 -11.03 -2.80
N ARG A 368 26.67 -11.48 -2.51
CA ARG A 368 26.47 -12.13 -1.23
C ARG A 368 25.21 -12.98 -1.28
N ILE A 369 25.15 -13.93 -0.36
CA ILE A 369 23.91 -14.64 -0.05
C ILE A 369 23.28 -13.93 1.15
N ARG A 370 22.04 -13.43 0.98
CA ARG A 370 21.41 -12.73 2.11
C ARG A 370 20.63 -13.73 2.94
N THR A 371 21.36 -14.46 3.78
CA THR A 371 20.75 -15.39 4.71
C THR A 371 20.04 -14.63 5.81
N GLN A 372 18.80 -15.02 6.09
CA GLN A 372 17.97 -14.35 7.11
C GLN A 372 17.61 -15.40 8.16
N MET A 373 17.97 -15.11 9.41
CA MET A 373 17.67 -15.98 10.52
C MET A 373 16.20 -15.82 10.89
N SER A 374 15.67 -16.83 11.58
CA SER A 374 14.26 -16.85 11.92
C SER A 374 14.05 -17.72 13.14
N ALA A 375 13.23 -17.26 14.09
CA ALA A 375 12.76 -18.17 15.13
C ALA A 375 12.00 -19.37 14.58
N ALA A 376 11.52 -19.31 13.34
CA ALA A 376 10.82 -20.47 12.81
C ALA A 376 11.77 -21.67 12.57
N HIS A 377 13.07 -21.46 12.44
CA HIS A 377 14.00 -22.57 12.25
C HIS A 377 14.26 -23.29 13.58
N SER A 378 13.98 -24.57 13.61
CA SER A 378 14.43 -25.34 14.76
C SER A 378 15.95 -25.44 14.76
N ARG A 379 16.51 -25.79 15.92
CA ARG A 379 17.95 -26.00 15.99
C ARG A 379 18.41 -27.04 14.98
N GLU A 380 17.62 -28.12 14.83
CA GLU A 380 17.93 -29.18 13.87
C GLU A 380 17.90 -28.67 12.43
N GLN A 381 16.88 -27.88 12.10
CA GLN A 381 16.79 -27.30 10.76
C GLN A 381 17.94 -26.36 10.47
N LEU A 382 18.30 -25.52 11.44
CA LEU A 382 19.42 -24.61 11.24
C LEU A 382 20.71 -25.40 11.01
N ASP A 383 20.91 -26.49 11.76
CA ASP A 383 22.11 -27.29 11.58
C ASP A 383 22.11 -28.00 10.25
N LYS A 384 20.95 -28.44 9.76
CA LYS A 384 20.91 -29.04 8.44
C LYS A 384 21.31 -28.01 7.36
N ALA A 385 20.80 -26.78 7.49
CA ALA A 385 21.15 -25.72 6.53
C ALA A 385 22.62 -25.37 6.59
N ILE A 386 23.17 -25.21 7.80
CA ILE A 386 24.60 -24.90 7.94
C ILE A 386 25.44 -26.03 7.36
N ASP A 387 25.08 -27.28 7.66
CA ASP A 387 25.75 -28.43 7.05
C ASP A 387 25.78 -28.28 5.54
N ALA A 388 24.62 -27.98 4.95
CA ALA A 388 24.54 -27.86 3.48
C ALA A 388 25.42 -26.73 2.97
N PHE A 389 25.39 -25.57 3.66
CA PHE A 389 26.22 -24.45 3.24
C PHE A 389 27.69 -24.83 3.23
N ILE A 390 28.12 -25.53 4.28
CA ILE A 390 29.52 -25.96 4.38
C ILE A 390 29.88 -26.94 3.27
N GLU A 391 29.00 -27.90 2.99
CA GLU A 391 29.23 -28.82 1.88
C GLU A 391 29.30 -28.07 0.55
N VAL A 392 28.41 -27.10 0.35
CA VAL A 392 28.46 -26.34 -0.89
C VAL A 392 29.76 -25.57 -0.96
N GLY A 393 30.15 -24.95 0.14
CA GLY A 393 31.35 -24.13 0.13
C GLY A 393 32.59 -24.96 -0.12
N ARG A 394 32.60 -26.20 0.36
CA ARG A 394 33.73 -27.08 0.07
C ARG A 394 33.69 -27.56 -1.38
N ASP A 395 32.51 -27.95 -1.86
CA ASP A 395 32.39 -28.34 -3.28
C ASP A 395 32.86 -27.23 -4.21
N MET A 396 32.62 -25.98 -3.84
CA MET A 396 32.95 -24.83 -4.68
C MET A 396 34.36 -24.32 -4.44
N GLU A 397 35.12 -24.95 -3.55
CA GLU A 397 36.47 -24.53 -3.20
C GLU A 397 36.51 -23.10 -2.67
N ILE A 398 35.47 -22.71 -1.93
CA ILE A 398 35.45 -21.44 -1.21
C ILE A 398 36.06 -21.61 0.19
N ILE A 399 35.79 -22.74 0.84
CA ILE A 399 36.34 -23.05 2.14
C ILE A 399 36.98 -24.43 2.05
N LYS A 400 37.85 -24.71 3.00
CA LYS A 400 38.54 -26.01 3.01
C LYS A 400 37.71 -27.09 3.67
N ASN B 1 15.21 20.99 21.89
CA ASN B 1 13.91 20.89 21.25
C ASN B 1 13.43 22.28 20.81
N ILE B 2 14.35 23.22 20.63
CA ILE B 2 14.00 24.56 20.19
C ILE B 2 13.70 24.58 18.67
N MET B 3 14.48 23.86 17.87
CA MET B 3 14.14 23.69 16.45
C MET B 3 12.98 22.72 16.27
N SER B 4 13.01 21.58 16.98
CA SER B 4 11.89 20.66 16.87
C SER B 4 10.61 21.32 17.36
N SER B 5 10.70 22.13 18.42
CA SER B 5 9.51 22.84 18.86
C SER B 5 9.04 23.84 17.81
N ALA B 6 9.98 24.48 17.11
CA ALA B 6 9.53 25.40 16.05
C ALA B 6 8.75 24.64 14.98
N PHE B 7 9.24 23.46 14.63
CA PHE B 7 8.58 22.64 13.61
C PHE B 7 7.17 22.22 14.04
N TYR B 8 7.04 21.70 15.27
CA TYR B 8 5.73 21.28 15.75
C TYR B 8 4.76 22.44 15.93
N GLN B 9 5.26 23.63 16.31
CA GLN B 9 4.41 24.81 16.35
C GLN B 9 3.91 25.19 14.96
N GLN B 10 4.80 25.15 13.97
CA GLN B 10 4.39 25.40 12.59
C GLN B 10 3.23 24.47 12.19
N ILE B 11 3.42 23.18 12.41
CA ILE B 11 2.37 22.20 12.08
C ILE B 11 1.10 22.48 12.86
N GLN B 12 1.21 22.80 14.15
CA GLN B 12 -0.01 23.06 14.93
C GLN B 12 -0.78 24.26 14.38
N GLN B 13 -0.05 25.27 13.90
CA GLN B 13 -0.74 26.41 13.30
C GLN B 13 -1.44 26.02 11.99
N GLN B 14 -0.80 25.15 11.19
CA GLN B 14 -1.44 24.63 9.97
C GLN B 14 -2.74 23.88 10.32
N ILE B 15 -2.71 23.06 11.37
CA ILE B 15 -3.90 22.35 11.83
C ILE B 15 -5.00 23.33 12.20
N GLU B 16 -4.65 24.33 13.01
CA GLU B 16 -5.65 25.32 13.43
C GLU B 16 -6.25 26.03 12.23
N GLU B 17 -5.43 26.35 11.22
CA GLU B 17 -5.96 26.97 10.01
C GLU B 17 -6.94 26.05 9.30
N VAL B 18 -6.64 24.75 9.25
CA VAL B 18 -7.55 23.81 8.61
C VAL B 18 -8.89 23.79 9.33
N LYS B 19 -8.86 23.75 10.67
CA LYS B 19 -10.09 23.78 11.44
C LYS B 19 -10.86 25.07 11.18
N ALA B 20 -10.14 26.19 11.05
CA ALA B 20 -10.80 27.49 10.83
C ALA B 20 -11.50 27.55 9.49
N GLU B 21 -10.94 26.89 8.46
CA GLU B 21 -11.60 26.84 7.16
C GLU B 21 -12.82 25.92 7.14
N GLY B 22 -13.08 25.18 8.23
CA GLY B 22 -14.10 24.16 8.22
C GLY B 22 -13.74 22.89 7.47
N LEU B 23 -12.45 22.61 7.30
CA LEU B 23 -12.01 21.48 6.48
C LEU B 23 -11.34 20.38 7.29
N TYR B 24 -11.41 20.44 8.62
CA TYR B 24 -10.75 19.43 9.43
C TYR B 24 -11.46 18.09 9.27
N LYS B 25 -10.69 17.03 9.05
CA LYS B 25 -11.23 15.68 8.91
C LYS B 25 -11.25 15.00 10.27
N SER B 26 -12.41 14.54 10.71
CA SER B 26 -12.57 13.78 11.94
C SER B 26 -12.93 12.34 11.62
N GLU B 27 -12.50 11.41 12.46
CA GLU B 27 -12.79 10.00 12.22
C GLU B 27 -13.94 9.58 13.14
N ARG B 28 -15.02 9.07 12.55
CA ARG B 28 -16.09 8.44 13.35
C ARG B 28 -15.73 6.98 13.58
N ILE B 29 -15.79 6.57 14.83
CA ILE B 29 -15.34 5.24 15.23
C ILE B 29 -16.50 4.25 15.13
N ILE B 30 -16.35 3.29 14.25
CA ILE B 30 -17.34 2.25 14.01
C ILE B 30 -16.98 1.06 14.90
N THR B 31 -17.94 0.54 15.64
CA THR B 31 -17.63 -0.58 16.53
C THR B 31 -18.12 -1.90 16.00
N SER B 32 -18.83 -1.88 14.88
CA SER B 32 -19.36 -3.05 14.22
C SER B 32 -18.55 -3.33 12.96
N GLN B 33 -18.98 -4.35 12.22
CA GLN B 33 -18.52 -4.60 10.86
C GLN B 33 -19.07 -3.53 9.93
N GLN B 34 -18.43 -3.40 8.78
CA GLN B 34 -18.93 -2.53 7.73
C GLN B 34 -20.12 -3.19 7.06
N GLN B 35 -21.24 -2.47 6.96
CA GLN B 35 -22.51 -3.02 6.46
C GLN B 35 -23.48 -1.85 6.34
N ALA B 36 -24.74 -2.17 6.00
CA ALA B 36 -25.74 -1.11 5.83
C ALA B 36 -26.01 -0.38 7.13
N ALA B 37 -26.13 -1.09 8.26
CA ALA B 37 -26.41 -0.47 9.55
C ALA B 37 -25.21 -0.68 10.45
N VAL B 38 -24.45 0.38 10.68
CA VAL B 38 -23.23 0.27 11.47
C VAL B 38 -23.51 0.86 12.82
N LYS B 39 -22.73 0.42 13.80
CA LYS B 39 -22.78 0.95 15.14
C LYS B 39 -21.58 1.86 15.34
N ILE B 40 -21.79 3.03 15.90
CA ILE B 40 -20.69 3.95 16.17
C ILE B 40 -20.45 4.03 17.66
N ALA B 41 -19.33 4.67 18.02
CA ALA B 41 -18.82 4.60 19.39
C ALA B 41 -19.79 5.24 20.38
N SER B 42 -20.60 6.20 19.93
CA SER B 42 -21.64 6.78 20.78
C SER B 42 -22.64 5.74 21.26
N GLY B 43 -22.80 4.64 20.50
CA GLY B 43 -23.76 3.59 20.77
C GLY B 43 -24.90 3.54 19.77
N GLU B 44 -25.09 4.61 19.00
CA GLU B 44 -26.14 4.67 17.99
C GLU B 44 -25.88 3.68 16.87
N GLU B 45 -26.96 3.20 16.28
CA GLU B 45 -26.90 2.52 15.01
C GLU B 45 -27.30 3.48 13.91
N VAL B 46 -26.49 3.59 12.86
CA VAL B 46 -26.75 4.52 11.77
C VAL B 46 -26.66 3.78 10.43
N LEU B 47 -27.43 4.24 9.46
CA LEU B 47 -27.37 3.67 8.12
C LEU B 47 -26.20 4.31 7.34
N ASN B 48 -25.31 3.47 6.80
CA ASN B 48 -24.09 3.95 6.18
C ASN B 48 -24.38 4.22 4.70
N PHE B 49 -24.37 5.51 4.30
CA PHE B 49 -24.57 5.90 2.91
C PHE B 49 -23.32 6.58 2.33
N CYS B 50 -22.13 6.23 2.87
CA CYS B 50 -20.91 6.81 2.34
C CYS B 50 -19.77 5.81 2.21
N ALA B 51 -20.08 4.51 2.07
CA ALA B 51 -19.02 3.51 1.91
C ALA B 51 -18.86 3.13 0.46
N ASN B 52 -17.65 2.62 0.10
CA ASN B 52 -17.45 2.04 -1.22
C ASN B 52 -17.85 0.56 -1.26
N ASN B 53 -18.70 0.15 -0.33
CA ASN B 53 -19.16 -1.24 -0.14
C ASN B 53 -20.34 -1.56 -1.07
N TYR B 54 -20.09 -1.43 -2.38
CA TYR B 54 -21.16 -1.29 -3.37
C TYR B 54 -22.05 -2.54 -3.47
N LEU B 55 -21.49 -3.73 -3.26
CA LEU B 55 -22.28 -4.97 -3.34
C LEU B 55 -22.48 -5.60 -1.97
N GLY B 56 -22.23 -4.86 -0.88
CA GLY B 56 -22.35 -5.40 0.46
C GLY B 56 -21.41 -6.55 0.78
N LEU B 57 -20.28 -6.65 0.08
CA LEU B 57 -19.39 -7.80 0.29
C LEU B 57 -18.45 -7.62 1.48
N ALA B 58 -18.31 -6.40 2.03
CA ALA B 58 -17.35 -6.13 3.11
C ALA B 58 -17.57 -7.01 4.34
N ASN B 59 -18.82 -7.44 4.57
CA ASN B 59 -19.11 -8.35 5.66
C ASN B 59 -19.83 -9.62 5.19
N HIS B 60 -19.66 -9.99 3.93
CA HIS B 60 -20.38 -11.14 3.38
C HIS B 60 -19.86 -12.46 3.96
N PRO B 61 -20.75 -13.35 4.40
CA PRO B 61 -20.28 -14.58 5.06
C PRO B 61 -19.35 -15.45 4.21
N ALA B 62 -19.52 -15.43 2.90
CA ALA B 62 -18.68 -16.27 2.03
C ALA B 62 -17.23 -15.81 2.05
N LEU B 63 -17.04 -14.50 2.07
CA LEU B 63 -15.69 -13.95 2.11
C LEU B 63 -15.02 -14.19 3.45
N ILE B 64 -15.77 -14.04 4.56
CA ILE B 64 -15.18 -14.28 5.86
C ILE B 64 -14.77 -15.74 5.99
N GLU B 65 -15.61 -16.64 5.48
CA GLU B 65 -15.23 -18.06 5.55
C GLU B 65 -14.02 -18.36 4.66
N ALA B 66 -13.99 -17.83 3.44
CA ALA B 66 -12.83 -18.03 2.57
C ALA B 66 -11.56 -17.39 3.14
N GLY B 67 -11.67 -16.25 3.82
CA GLY B 67 -10.49 -15.68 4.42
C GLY B 67 -9.95 -16.56 5.53
N LYS B 68 -10.85 -17.10 6.36
CA LYS B 68 -10.41 -17.99 7.42
C LYS B 68 -9.76 -19.24 6.85
N ALA B 69 -10.39 -19.85 5.84
CA ALA B 69 -9.84 -21.04 5.19
C ALA B 69 -8.49 -20.77 4.56
N GLY B 70 -8.36 -19.62 3.92
CA GLY B 70 -7.08 -19.24 3.37
C GLY B 70 -6.02 -19.12 4.45
N MET B 71 -6.39 -18.63 5.63
CA MET B 71 -5.38 -18.60 6.68
C MET B 71 -5.03 -20.01 7.16
N ASP B 72 -6.01 -20.91 7.18
CA ASP B 72 -5.71 -22.28 7.62
C ASP B 72 -4.77 -22.98 6.61
N GLU B 73 -4.95 -22.72 5.32
CA GLU B 73 -4.21 -23.41 4.28
C GLU B 73 -2.92 -22.71 3.87
N HIS B 74 -2.88 -21.38 3.91
CA HIS B 74 -1.77 -20.64 3.35
C HIS B 74 -1.17 -19.67 4.35
N GLY B 75 -1.67 -19.66 5.58
CA GLY B 75 -1.03 -18.94 6.67
C GLY B 75 -1.54 -17.52 6.77
N PHE B 76 -0.95 -16.77 7.71
CA PHE B 76 -1.38 -15.40 7.95
C PHE B 76 -0.67 -14.38 7.05
N GLY B 77 0.65 -14.52 6.85
CA GLY B 77 1.36 -13.56 6.00
C GLY B 77 2.45 -14.24 5.19
N MET B 78 2.92 -13.53 4.15
CA MET B 78 4.06 -14.01 3.38
C MET B 78 5.39 -13.56 3.93
N ALA B 79 5.43 -12.39 4.59
CA ALA B 79 6.70 -11.81 5.07
C ALA B 79 7.78 -11.78 3.99
N SER B 80 7.40 -11.44 2.76
CA SER B 80 8.37 -11.37 1.68
C SER B 80 7.75 -10.60 0.52
N VAL B 81 8.60 -9.93 -0.27
CA VAL B 81 8.16 -9.46 -1.58
C VAL B 81 7.95 -10.67 -2.49
N ARG B 82 7.18 -10.45 -3.58
CA ARG B 82 6.77 -11.59 -4.41
C ARG B 82 7.97 -12.38 -4.96
N PHE B 83 9.01 -11.71 -5.48
CA PHE B 83 10.03 -12.46 -6.22
C PHE B 83 11.03 -13.18 -5.34
N ILE B 84 11.06 -12.91 -4.03
CA ILE B 84 12.00 -13.62 -3.14
C ILE B 84 11.31 -14.88 -2.65
N CYS B 85 10.40 -14.80 -1.67
CA CYS B 85 9.61 -15.99 -1.30
C CYS B 85 8.20 -15.59 -0.90
N GLY B 86 7.65 -14.59 -1.60
CA GLY B 86 6.31 -14.11 -1.31
C GLY B 86 5.21 -14.56 -2.25
N THR B 87 5.48 -15.46 -3.19
CA THR B 87 4.48 -15.88 -4.18
C THR B 87 3.97 -17.26 -3.80
N GLN B 88 2.66 -17.37 -3.56
CA GLN B 88 1.98 -18.64 -3.38
C GLN B 88 1.22 -19.03 -4.64
N ASP B 89 0.78 -20.30 -4.69
CA ASP B 89 -0.09 -20.70 -5.80
C ASP B 89 -1.33 -19.81 -5.87
N ILE B 90 -1.89 -19.43 -4.72
CA ILE B 90 -3.12 -18.64 -4.74
C ILE B 90 -2.89 -17.24 -5.30
N HIS B 91 -1.70 -16.63 -5.15
CA HIS B 91 -1.45 -15.36 -5.82
C HIS B 91 -1.60 -15.50 -7.33
N LYS B 92 -1.00 -16.56 -7.89
CA LYS B 92 -1.10 -16.78 -9.34
C LYS B 92 -2.52 -17.11 -9.74
N GLU B 93 -3.23 -17.90 -8.93
CA GLU B 93 -4.63 -18.22 -9.20
C GLU B 93 -5.49 -16.94 -9.21
N LEU B 94 -5.29 -16.07 -8.21
CA LEU B 94 -6.05 -14.82 -8.21
C LEU B 94 -5.73 -13.99 -9.43
N GLU B 95 -4.46 -13.90 -9.82
CA GLU B 95 -4.09 -13.10 -10.98
C GLU B 95 -4.72 -13.65 -12.25
N GLN B 96 -4.77 -14.97 -12.40
CA GLN B 96 -5.42 -15.58 -13.55
C GLN B 96 -6.92 -15.32 -13.55
N LYS B 97 -7.56 -15.45 -12.40
CA LYS B 97 -9.00 -15.22 -12.36
C LYS B 97 -9.32 -13.75 -12.64
N LEU B 98 -8.52 -12.81 -12.11
CA LEU B 98 -8.75 -11.39 -12.43
C LEU B 98 -8.55 -11.13 -13.92
N SER B 99 -7.52 -11.72 -14.51
CA SER B 99 -7.28 -11.51 -15.94
C SER B 99 -8.49 -11.93 -16.76
N THR B 100 -9.03 -13.11 -16.46
CA THR B 100 -10.21 -13.51 -17.23
C THR B 100 -11.42 -12.65 -16.89
N PHE B 101 -11.60 -12.30 -15.61
CA PHE B 101 -12.72 -11.46 -15.21
C PHE B 101 -12.72 -10.15 -15.99
N LEU B 102 -11.55 -9.57 -16.20
CA LEU B 102 -11.41 -8.29 -16.85
C LEU B 102 -11.22 -8.37 -18.36
N GLY B 103 -11.05 -9.57 -18.93
CA GLY B 103 -10.81 -9.65 -20.37
C GLY B 103 -9.43 -9.22 -20.79
N LYS B 104 -8.42 -9.43 -19.94
CA LYS B 104 -7.04 -9.10 -20.24
C LYS B 104 -6.18 -10.35 -20.12
N GLU B 105 -4.97 -10.26 -20.65
CA GLU B 105 -4.08 -11.42 -20.73
C GLU B 105 -3.44 -11.80 -19.40
N ASP B 106 -3.03 -10.80 -18.61
CA ASP B 106 -2.31 -11.05 -17.36
C ASP B 106 -2.63 -9.92 -16.39
N THR B 107 -2.37 -10.17 -15.11
CA THR B 107 -2.67 -9.23 -14.04
C THR B 107 -1.54 -9.33 -13.02
N ILE B 108 -1.12 -8.20 -12.46
CA ILE B 108 -0.10 -8.15 -11.41
C ILE B 108 -0.73 -7.54 -10.16
N LEU B 109 -0.60 -8.24 -9.03
CA LEU B 109 -1.21 -7.82 -7.76
C LEU B 109 -0.29 -6.89 -6.98
N TYR B 110 -0.90 -5.90 -6.34
CA TYR B 110 -0.21 -4.99 -5.42
C TYR B 110 -1.02 -4.97 -4.15
N THR B 111 -0.40 -4.46 -3.07
CA THR B 111 -1.22 -4.37 -1.86
C THR B 111 -2.23 -3.23 -1.91
N SER B 112 -2.16 -2.31 -2.88
CA SER B 112 -3.25 -1.33 -3.06
C SER B 112 -3.29 -0.84 -4.50
N CYS B 113 -4.45 -0.29 -4.90
CA CYS B 113 -4.47 0.37 -6.21
C CYS B 113 -3.65 1.66 -6.19
N PHE B 114 -3.51 2.27 -5.01
CA PHE B 114 -2.59 3.42 -4.89
C PHE B 114 -1.21 3.04 -5.39
N ASP B 115 -0.72 1.86 -4.97
CA ASP B 115 0.59 1.40 -5.41
C ASP B 115 0.58 0.93 -6.86
N ALA B 116 -0.52 0.32 -7.31
CA ALA B 116 -0.59 -0.10 -8.71
C ALA B 116 -0.37 1.10 -9.62
N ASN B 117 -1.10 2.19 -9.37
CA ASN B 117 -0.90 3.39 -10.18
C ASN B 117 0.49 3.98 -9.96
N ALA B 118 0.96 4.07 -8.70
CA ALA B 118 2.29 4.65 -8.47
C ALA B 118 3.38 3.87 -9.19
N GLY B 119 3.21 2.56 -9.29
CA GLY B 119 4.21 1.70 -9.88
C GLY B 119 4.08 1.51 -11.38
N LEU B 120 3.11 2.16 -12.04
CA LEU B 120 2.86 1.92 -13.46
C LEU B 120 3.67 2.86 -14.33
N PHE B 121 3.43 4.17 -14.22
CA PHE B 121 3.81 5.09 -15.29
C PHE B 121 5.32 5.17 -15.46
N GLU B 122 6.06 5.30 -14.35
CA GLU B 122 7.51 5.40 -14.38
C GLU B 122 8.16 4.14 -14.97
N THR B 123 7.47 3.01 -14.87
CA THR B 123 8.01 1.74 -15.33
C THR B 123 7.87 1.54 -16.85
N ILE B 124 6.81 2.06 -17.46
CA ILE B 124 6.53 1.78 -18.87
C ILE B 124 6.81 2.97 -19.78
N LEU B 125 7.06 4.15 -19.21
CA LEU B 125 7.20 5.40 -19.96
C LEU B 125 8.39 6.18 -19.43
N ASP B 126 9.05 6.93 -20.32
CA ASP B 126 10.14 7.81 -19.90
C ASP B 126 10.03 9.12 -20.69
N LYS B 127 11.09 9.91 -20.66
CA LYS B 127 11.07 11.28 -21.20
C LYS B 127 10.76 11.31 -22.69
N GLU B 128 11.03 10.24 -23.42
CA GLU B 128 10.70 10.22 -24.83
C GLU B 128 9.19 10.22 -25.04
N ASP B 129 8.41 9.88 -24.01
CA ASP B 129 6.99 9.56 -24.13
C ASP B 129 6.10 10.71 -23.62
N ALA B 130 4.79 10.52 -23.73
CA ALA B 130 3.84 11.51 -23.26
C ALA B 130 2.67 10.86 -22.53
N ILE B 131 2.18 11.55 -21.51
CA ILE B 131 1.00 11.14 -20.75
C ILE B 131 -0.03 12.24 -20.88
N ILE B 132 -1.25 11.88 -21.27
CA ILE B 132 -2.35 12.84 -21.41
C ILE B 132 -3.43 12.45 -20.42
N SER B 133 -3.68 13.33 -19.44
CA SER B 133 -4.53 13.01 -18.30
C SER B 133 -5.79 13.84 -18.32
N ASP B 134 -6.92 13.20 -18.02
CA ASP B 134 -8.12 13.94 -17.66
C ASP B 134 -7.84 14.77 -16.41
N ALA B 135 -8.28 16.03 -16.43
CA ALA B 135 -7.95 16.98 -15.35
C ALA B 135 -8.50 16.55 -14.00
N LEU B 136 -9.54 15.71 -13.99
CA LEU B 136 -10.18 15.26 -12.76
C LEU B 136 -9.67 13.93 -12.22
N ASN B 137 -8.54 13.43 -12.70
CA ASN B 137 -8.06 12.11 -12.29
C ASN B 137 -7.75 12.01 -10.79
N HIS B 138 -7.88 10.77 -10.27
CA HIS B 138 -7.62 10.40 -8.87
C HIS B 138 -6.18 10.70 -8.45
N ALA B 139 -6.01 10.99 -7.15
CA ALA B 139 -4.70 11.40 -6.64
C ALA B 139 -3.64 10.33 -6.85
N SER B 140 -3.98 9.03 -6.73
CA SER B 140 -2.92 8.04 -6.94
C SER B 140 -2.42 8.04 -8.39
N ILE B 141 -3.29 8.33 -9.35
CA ILE B 141 -2.84 8.52 -10.73
C ILE B 141 -1.89 9.71 -10.81
N ILE B 142 -2.31 10.83 -10.22
CA ILE B 142 -1.46 12.03 -10.23
C ILE B 142 -0.07 11.71 -9.68
N ASP B 143 0.00 10.99 -8.55
CA ASP B 143 1.31 10.74 -7.94
C ASP B 143 2.14 9.76 -8.77
N GLY B 144 1.49 8.78 -9.40
CA GLY B 144 2.23 7.93 -10.32
C GLY B 144 2.79 8.74 -11.48
N VAL B 145 1.99 9.64 -12.02
CA VAL B 145 2.48 10.49 -13.11
C VAL B 145 3.65 11.34 -12.63
N ARG B 146 3.58 11.85 -11.38
CA ARG B 146 4.65 12.70 -10.88
C ARG B 146 5.97 11.96 -10.78
N LEU B 147 5.93 10.64 -10.56
CA LEU B 147 7.20 9.92 -10.59
C LEU B 147 7.74 9.67 -12.00
N CYS B 148 6.93 9.90 -13.03
CA CYS B 148 7.28 9.57 -14.40
C CYS B 148 7.94 10.76 -15.10
N LYS B 149 8.94 10.47 -15.95
CA LYS B 149 9.67 11.48 -16.71
C LYS B 149 9.01 11.86 -18.04
N ALA B 150 7.86 11.28 -18.40
CA ALA B 150 7.22 11.56 -19.67
C ALA B 150 6.68 12.99 -19.71
N MET B 151 6.54 13.51 -20.93
CA MET B 151 5.87 14.80 -21.10
C MET B 151 4.42 14.68 -20.67
N ARG B 152 3.92 15.70 -19.99
CA ARG B 152 2.58 15.70 -19.41
C ARG B 152 1.67 16.69 -20.11
N PHE B 153 0.47 16.22 -20.41
CA PHE B 153 -0.61 17.03 -20.96
C PHE B 153 -1.89 16.76 -20.20
N ARG B 154 -2.74 17.77 -20.18
CA ARG B 154 -3.96 17.76 -19.40
C ARG B 154 -5.11 18.21 -20.29
N TYR B 155 -6.24 17.53 -20.19
CA TYR B 155 -7.46 18.02 -20.82
C TYR B 155 -8.53 18.20 -19.75
N SER B 156 -9.36 19.23 -19.92
CA SER B 156 -10.45 19.49 -18.99
C SER B 156 -11.35 18.27 -18.89
N ASN B 157 -11.95 18.09 -17.70
CA ASN B 157 -12.72 16.88 -17.41
C ASN B 157 -13.69 16.54 -18.54
N ASN B 158 -13.56 15.32 -19.07
CA ASN B 158 -14.50 14.77 -20.03
C ASN B 158 -14.53 15.54 -21.36
N ASN B 159 -13.50 16.34 -21.65
CA ASN B 159 -13.54 17.25 -22.81
C ASN B 159 -12.74 16.64 -23.95
N MET B 160 -13.47 16.02 -24.89
CA MET B 160 -12.86 15.34 -26.03
C MET B 160 -12.20 16.30 -27.01
N THR B 161 -12.66 17.56 -27.05
CA THR B 161 -12.00 18.55 -27.90
C THR B 161 -10.62 18.88 -27.37
N GLU B 162 -10.51 19.13 -26.07
CA GLU B 162 -9.20 19.36 -25.48
C GLU B 162 -8.32 18.11 -25.53
N LEU B 163 -8.92 16.91 -25.44
CA LEU B 163 -8.11 15.70 -25.57
C LEU B 163 -7.50 15.61 -26.97
N GLU B 164 -8.30 15.87 -28.01
CA GLU B 164 -7.74 15.86 -29.36
C GLU B 164 -6.65 16.91 -29.51
N GLU B 165 -6.89 18.11 -28.97
CA GLU B 165 -5.86 19.15 -29.01
C GLU B 165 -4.57 18.69 -28.37
N GLN B 166 -4.67 18.02 -27.21
CA GLN B 166 -3.45 17.60 -26.51
C GLN B 166 -2.78 16.44 -27.23
N LEU B 167 -3.55 15.58 -27.90
CA LEU B 167 -2.94 14.53 -28.70
C LEU B 167 -2.14 15.14 -29.85
N ILE B 168 -2.69 16.19 -30.46
CA ILE B 168 -1.96 16.88 -31.53
C ILE B 168 -0.69 17.52 -30.97
N ALA B 169 -0.81 18.20 -29.83
CA ALA B 169 0.37 18.81 -29.21
C ALA B 169 1.41 17.76 -28.82
N ALA B 170 0.98 16.56 -28.45
CA ALA B 170 1.90 15.49 -28.08
C ALA B 170 2.63 14.94 -29.31
N LYS B 171 1.87 14.69 -30.38
CA LYS B 171 2.46 14.36 -31.67
C LYS B 171 3.48 15.41 -32.10
N ASP B 172 3.09 16.68 -32.05
CA ASP B 172 3.97 17.78 -32.48
C ASP B 172 5.26 17.81 -31.68
N ALA B 173 5.20 17.43 -30.40
CA ALA B 173 6.35 17.48 -29.52
C ALA B 173 7.31 16.32 -29.71
N GLY B 174 6.98 15.36 -30.57
CA GLY B 174 7.86 14.24 -30.83
C GLY B 174 7.68 13.02 -29.93
N ALA B 175 6.53 12.88 -29.28
CA ALA B 175 6.31 11.76 -28.37
C ALA B 175 6.50 10.43 -29.08
N ARG B 176 7.28 9.54 -28.47
CA ARG B 176 7.38 8.18 -28.97
C ARG B 176 6.08 7.44 -28.69
N ASN B 177 5.85 7.11 -27.41
CA ASN B 177 4.59 6.52 -26.98
C ASN B 177 3.74 7.57 -26.29
N ILE B 178 2.42 7.44 -26.45
CA ILE B 178 1.46 8.35 -25.84
C ILE B 178 0.47 7.54 -25.04
N LEU B 179 0.27 7.91 -23.79
CA LEU B 179 -0.69 7.20 -22.94
C LEU B 179 -1.76 8.19 -22.50
N ILE B 180 -3.01 7.91 -22.85
CA ILE B 180 -4.15 8.64 -22.33
C ILE B 180 -4.60 7.94 -21.06
N VAL B 181 -4.78 8.71 -19.99
CA VAL B 181 -5.01 8.17 -18.66
C VAL B 181 -6.27 8.78 -18.10
N THR B 182 -7.25 7.96 -17.76
CA THR B 182 -8.48 8.48 -17.20
C THR B 182 -8.97 7.58 -16.06
N ASP B 183 -9.56 8.20 -15.03
CA ASP B 183 -10.46 7.47 -14.15
C ASP B 183 -11.61 6.94 -14.99
N GLY B 184 -12.07 5.73 -14.67
CA GLY B 184 -13.25 5.23 -15.33
C GLY B 184 -14.52 5.88 -14.85
N VAL B 185 -14.55 6.25 -13.57
CA VAL B 185 -15.68 6.94 -12.95
C VAL B 185 -15.10 8.15 -12.23
N PHE B 186 -15.67 9.33 -12.49
CA PHE B 186 -15.24 10.52 -11.76
C PHE B 186 -15.99 10.53 -10.44
N SER B 187 -15.27 10.25 -9.36
CA SER B 187 -15.90 9.80 -8.12
C SER B 187 -16.53 10.91 -7.30
N MET B 188 -16.37 12.18 -7.67
CA MET B 188 -17.13 13.22 -6.99
C MET B 188 -18.42 13.55 -7.73
N ASP B 189 -18.54 13.07 -8.96
CA ASP B 189 -19.66 13.37 -9.85
C ASP B 189 -20.57 12.20 -10.14
N GLY B 190 -20.07 10.97 -10.01
CA GLY B 190 -20.83 9.82 -10.44
C GLY B 190 -21.03 9.80 -11.94
N VAL B 191 -20.02 10.23 -12.69
CA VAL B 191 -20.04 10.31 -14.15
C VAL B 191 -19.03 9.28 -14.69
N VAL B 192 -19.47 8.46 -15.64
CA VAL B 192 -18.60 7.46 -16.28
C VAL B 192 -17.87 8.13 -17.43
N ALA B 193 -16.56 7.94 -17.52
CA ALA B 193 -15.75 8.59 -18.55
C ALA B 193 -16.22 8.12 -19.95
N ASN B 194 -15.92 8.96 -20.94
CA ASN B 194 -16.39 8.76 -22.33
C ASN B 194 -15.42 7.85 -23.08
N LEU B 195 -15.41 6.59 -22.66
CA LEU B 195 -14.45 5.65 -23.27
C LEU B 195 -14.62 5.50 -24.77
N PRO B 196 -15.82 5.44 -25.36
CA PRO B 196 -15.88 5.33 -26.84
C PRO B 196 -15.14 6.45 -27.54
N ALA B 197 -15.36 7.70 -27.13
CA ALA B 197 -14.70 8.83 -27.78
C ALA B 197 -13.19 8.82 -27.54
N ILE B 198 -12.76 8.43 -26.34
CA ILE B 198 -11.34 8.35 -26.05
C ILE B 198 -10.68 7.30 -26.93
N CYS B 199 -11.33 6.14 -27.06
CA CYS B 199 -10.75 5.08 -27.89
C CYS B 199 -10.70 5.46 -29.36
N ASP B 200 -11.73 6.15 -29.86
CA ASP B 200 -11.65 6.68 -31.24
C ASP B 200 -10.46 7.60 -31.40
N LEU B 201 -10.24 8.50 -30.44
CA LEU B 201 -9.13 9.45 -30.57
C LEU B 201 -7.78 8.76 -30.44
N ALA B 202 -7.69 7.74 -29.56
CA ALA B 202 -6.42 7.03 -29.41
C ALA B 202 -6.08 6.28 -30.68
N GLU B 203 -7.10 5.66 -31.28
CA GLU B 203 -6.91 4.91 -32.52
C GLU B 203 -6.54 5.85 -33.66
N LYS B 204 -7.13 7.05 -33.67
CA LYS B 204 -6.83 8.02 -34.70
C LYS B 204 -5.41 8.55 -34.58
N TYR B 205 -4.92 8.77 -33.37
CA TYR B 205 -3.60 9.38 -33.18
C TYR B 205 -2.52 8.40 -32.76
N GLY B 206 -2.85 7.12 -32.66
CA GLY B 206 -1.85 6.13 -32.28
C GLY B 206 -1.44 6.20 -30.82
N ALA B 207 -2.41 6.28 -29.92
CA ALA B 207 -2.14 6.37 -28.49
C ALA B 207 -2.64 5.12 -27.79
N LEU B 208 -1.98 4.79 -26.69
CA LEU B 208 -2.43 3.76 -25.77
C LEU B 208 -3.47 4.34 -24.80
N THR B 209 -4.35 3.48 -24.27
CA THR B 209 -5.34 3.91 -23.29
C THR B 209 -5.17 3.18 -21.95
N MET B 210 -5.34 3.92 -20.84
CA MET B 210 -5.32 3.34 -19.50
C MET B 210 -6.51 3.90 -18.71
N VAL B 211 -7.21 3.00 -18.02
CA VAL B 211 -8.37 3.37 -17.22
C VAL B 211 -8.15 2.85 -15.80
N ASP B 212 -8.29 3.73 -14.82
CA ASP B 212 -8.37 3.33 -13.42
C ASP B 212 -9.83 3.03 -13.11
N ASP B 213 -10.17 1.75 -12.97
CA ASP B 213 -11.56 1.35 -12.84
C ASP B 213 -11.95 1.00 -11.41
N SER B 214 -11.24 1.55 -10.43
CA SER B 214 -11.47 1.22 -9.02
C SER B 214 -12.92 1.36 -8.56
N HIS B 215 -13.61 2.42 -9.03
CA HIS B 215 -14.98 2.64 -8.63
C HIS B 215 -15.99 1.94 -9.53
N ALA B 216 -15.54 1.06 -10.42
CA ALA B 216 -16.44 0.42 -11.37
C ALA B 216 -16.35 -1.10 -11.33
N VAL B 217 -15.15 -1.65 -11.04
CA VAL B 217 -14.99 -3.10 -11.13
C VAL B 217 -15.90 -3.79 -10.11
N GLY B 218 -16.55 -4.86 -10.57
CA GLY B 218 -17.49 -5.61 -9.76
C GLY B 218 -18.93 -5.41 -10.17
N PHE B 219 -19.29 -4.22 -10.67
CA PHE B 219 -20.70 -3.95 -10.93
C PHE B 219 -21.00 -3.15 -12.19
N MET B 220 -20.03 -2.52 -12.84
CA MET B 220 -20.29 -1.88 -14.13
C MET B 220 -20.13 -2.91 -15.23
N GLY B 221 -20.98 -2.83 -16.26
CA GLY B 221 -21.00 -3.82 -17.31
C GLY B 221 -21.77 -5.07 -16.91
N LYS B 222 -22.17 -5.86 -17.92
CA LYS B 222 -23.11 -6.95 -17.66
C LYS B 222 -22.56 -7.95 -16.63
N THR B 223 -21.31 -8.30 -16.76
CA THR B 223 -20.69 -9.26 -15.86
C THR B 223 -19.97 -8.58 -14.69
N GLY B 224 -20.05 -7.25 -14.60
CA GLY B 224 -19.34 -6.49 -13.60
C GLY B 224 -17.88 -6.27 -13.91
N ALA B 225 -17.47 -6.38 -15.18
CA ALA B 225 -16.06 -6.33 -15.46
C ALA B 225 -15.50 -4.91 -15.37
N GLY B 226 -16.33 -3.90 -15.59
CA GLY B 226 -15.92 -2.52 -15.44
C GLY B 226 -16.48 -1.64 -16.55
N THR B 227 -15.95 -0.42 -16.64
CA THR B 227 -16.49 0.55 -17.58
C THR B 227 -16.11 0.21 -19.03
N HIS B 228 -15.01 -0.52 -19.24
CA HIS B 228 -14.69 -0.98 -20.60
C HIS B 228 -15.74 -1.98 -21.10
N GLU B 229 -16.34 -2.76 -20.21
CA GLU B 229 -17.44 -3.62 -20.60
C GLU B 229 -18.72 -2.81 -20.78
N TYR B 230 -19.03 -1.94 -19.82
CA TYR B 230 -20.17 -1.04 -19.91
C TYR B 230 -20.22 -0.28 -21.23
N HIS B 231 -19.07 0.18 -21.73
CA HIS B 231 -19.02 0.97 -22.95
C HIS B 231 -18.68 0.14 -24.19
N ASP B 232 -18.60 -1.19 -24.05
CA ASP B 232 -18.31 -2.09 -25.16
C ASP B 232 -17.01 -1.72 -25.88
N VAL B 233 -15.94 -1.51 -25.09
CA VAL B 233 -14.62 -1.21 -25.65
C VAL B 233 -13.59 -2.11 -25.00
N VAL B 234 -13.98 -3.34 -24.65
CA VAL B 234 -13.16 -4.21 -23.81
C VAL B 234 -11.76 -4.39 -24.39
N ASP B 235 -11.65 -4.68 -25.69
CA ASP B 235 -10.36 -4.89 -26.31
C ASP B 235 -9.67 -3.62 -26.73
N ARG B 236 -10.27 -2.47 -26.49
CA ARG B 236 -9.67 -1.21 -26.87
C ARG B 236 -9.07 -0.42 -25.71
N ILE B 237 -9.21 -0.91 -24.49
CA ILE B 237 -8.50 -0.34 -23.34
C ILE B 237 -7.24 -1.16 -23.14
N ASP B 238 -6.07 -0.52 -23.30
CA ASP B 238 -4.81 -1.27 -23.24
C ASP B 238 -4.47 -1.71 -21.83
N ILE B 239 -4.58 -0.81 -20.85
CA ILE B 239 -4.16 -1.10 -19.48
C ILE B 239 -5.29 -0.71 -18.54
N ILE B 240 -5.60 -1.58 -17.58
CA ILE B 240 -6.62 -1.30 -16.56
C ILE B 240 -5.99 -1.41 -15.19
N THR B 241 -6.22 -0.42 -14.32
CA THR B 241 -5.89 -0.64 -12.93
C THR B 241 -7.17 -0.75 -12.11
N GLY B 242 -7.06 -1.28 -10.91
CA GLY B 242 -8.25 -1.38 -10.11
C GLY B 242 -7.91 -1.78 -8.69
N THR B 243 -8.94 -1.93 -7.90
CA THR B 243 -8.78 -2.22 -6.49
C THR B 243 -9.66 -3.41 -6.11
N LEU B 244 -9.22 -4.16 -5.11
CA LEU B 244 -10.11 -5.09 -4.43
C LEU B 244 -10.80 -4.46 -3.23
N GLY B 245 -10.45 -3.22 -2.91
CA GLY B 245 -10.94 -2.61 -1.69
C GLY B 245 -12.25 -1.85 -1.79
N LYS B 246 -12.94 -1.90 -2.93
CA LYS B 246 -14.25 -1.27 -3.00
C LYS B 246 -15.31 -2.35 -3.23
N ALA B 247 -15.90 -2.47 -4.43
CA ALA B 247 -16.99 -3.44 -4.59
C ALA B 247 -16.52 -4.89 -4.40
N MET B 248 -15.27 -5.18 -4.74
CA MET B 248 -14.75 -6.55 -4.78
C MET B 248 -14.40 -7.14 -3.39
N GLY B 249 -14.89 -6.62 -2.29
CA GLY B 249 -14.63 -7.23 -1.00
C GLY B 249 -14.32 -6.22 0.08
N GLY B 250 -13.58 -5.19 -0.28
CA GLY B 250 -13.40 -4.05 0.62
C GLY B 250 -12.22 -4.13 1.55
N ALA B 251 -11.42 -5.20 1.50
CA ALA B 251 -10.29 -5.32 2.41
C ALA B 251 -9.14 -4.44 1.96
N SER B 252 -8.47 -4.84 0.88
CA SER B 252 -7.33 -4.11 0.34
C SER B 252 -6.82 -4.92 -0.82
N GLY B 253 -5.84 -4.41 -1.54
CA GLY B 253 -5.38 -5.07 -2.75
C GLY B 253 -5.71 -4.21 -3.96
N GLY B 254 -4.78 -4.17 -4.91
CA GLY B 254 -4.98 -3.49 -6.16
C GLY B 254 -4.29 -4.30 -7.24
N TYR B 255 -4.45 -3.86 -8.46
CA TYR B 255 -3.83 -4.63 -9.54
C TYR B 255 -3.71 -3.76 -10.78
N THR B 256 -2.83 -4.22 -11.65
CA THR B 256 -2.74 -3.71 -13.01
C THR B 256 -2.97 -4.89 -13.94
N SER B 257 -3.73 -4.65 -15.02
CA SER B 257 -4.14 -5.74 -15.90
C SER B 257 -3.93 -5.31 -17.35
N GLY B 258 -3.44 -6.24 -18.17
CA GLY B 258 -3.16 -5.87 -19.55
C GLY B 258 -2.41 -6.96 -20.31
N LYS B 259 -1.67 -6.53 -21.33
CA LYS B 259 -0.94 -7.46 -22.17
C LYS B 259 0.17 -8.14 -21.37
N LYS B 260 0.44 -9.40 -21.73
CA LYS B 260 1.43 -10.17 -21.00
C LYS B 260 2.76 -9.44 -20.91
N GLU B 261 3.15 -8.73 -21.98
CA GLU B 261 4.43 -8.01 -22.00
C GLU B 261 4.48 -6.94 -20.92
N VAL B 262 3.43 -6.12 -20.83
CA VAL B 262 3.42 -5.04 -19.86
C VAL B 262 3.49 -5.61 -18.45
N ILE B 263 2.67 -6.64 -18.17
CA ILE B 263 2.60 -7.21 -16.83
C ILE B 263 3.93 -7.86 -16.45
N GLU B 264 4.54 -8.58 -17.39
CA GLU B 264 5.87 -9.16 -17.13
C GLU B 264 6.90 -8.09 -16.84
N TRP B 265 6.91 -7.01 -17.63
CA TRP B 265 7.86 -5.93 -17.37
C TRP B 265 7.61 -5.26 -16.00
N LEU B 266 6.35 -5.11 -15.61
CA LEU B 266 6.04 -4.56 -14.28
C LEU B 266 6.57 -5.48 -13.17
N ARG B 267 6.42 -6.80 -13.33
CA ARG B 267 7.00 -7.70 -12.32
C ARG B 267 8.50 -7.51 -12.20
N GLN B 268 9.16 -7.20 -13.32
CA GLN B 268 10.61 -7.02 -13.29
C GLN B 268 11.04 -5.67 -12.71
N ARG B 269 10.25 -4.61 -12.86
CA ARG B 269 10.73 -3.27 -12.62
C ARG B 269 9.81 -2.38 -11.78
N SER B 270 8.55 -2.78 -11.53
CA SER B 270 7.64 -1.89 -10.79
C SER B 270 8.08 -1.81 -9.33
N ARG B 271 8.45 -0.61 -8.87
CA ARG B 271 9.11 -0.50 -7.57
C ARG B 271 8.21 -0.92 -6.40
N PRO B 272 6.91 -0.61 -6.37
CA PRO B 272 6.07 -1.11 -5.27
C PRO B 272 5.98 -2.62 -5.24
N TYR B 273 6.07 -3.25 -6.41
CA TYR B 273 6.04 -4.70 -6.46
C TYR B 273 7.36 -5.30 -6.00
N LEU B 274 8.46 -4.62 -6.30
CA LEU B 274 9.78 -5.12 -5.91
C LEU B 274 10.06 -4.90 -4.43
N PHE B 275 9.52 -3.83 -3.83
CA PHE B 275 9.93 -3.40 -2.51
C PHE B 275 8.83 -3.41 -1.47
N SER B 276 7.68 -4.04 -1.75
CA SER B 276 6.61 -4.06 -0.75
C SER B 276 6.07 -5.46 -0.64
N ASN B 277 5.54 -5.77 0.54
CA ASN B 277 5.10 -7.11 0.86
C ASN B 277 4.07 -7.63 -0.14
N SER B 278 4.16 -8.93 -0.42
CA SER B 278 3.14 -9.62 -1.19
C SER B 278 1.79 -9.57 -0.45
N VAL B 279 0.68 -9.70 -1.21
CA VAL B 279 -0.65 -9.57 -0.61
C VAL B 279 -0.92 -10.73 0.36
N ALA B 280 -1.64 -10.41 1.46
CA ALA B 280 -1.86 -11.39 2.53
C ALA B 280 -2.72 -12.55 2.05
N PRO B 281 -2.36 -13.80 2.40
CA PRO B 281 -3.15 -14.97 1.93
C PRO B 281 -4.66 -14.90 2.22
N ALA B 282 -5.10 -14.36 3.37
CA ALA B 282 -6.54 -14.27 3.65
C ALA B 282 -7.27 -13.42 2.59
N ILE B 283 -6.64 -12.31 2.20
CA ILE B 283 -7.23 -11.42 1.21
C ILE B 283 -7.20 -12.06 -0.17
N VAL B 284 -6.09 -12.75 -0.51
CA VAL B 284 -6.04 -13.44 -1.81
C VAL B 284 -7.14 -14.49 -1.89
N SER B 285 -7.29 -15.31 -0.83
CA SER B 285 -8.28 -16.39 -0.80
C SER B 285 -9.70 -15.84 -0.90
N ALA B 286 -10.00 -14.82 -0.12
CA ALA B 286 -11.32 -14.21 -0.22
C ALA B 286 -11.56 -13.62 -1.61
N SER B 287 -10.54 -13.05 -2.25
CA SER B 287 -10.80 -12.43 -3.56
C SER B 287 -11.05 -13.50 -4.63
N ILE B 288 -10.35 -14.63 -4.52
CA ILE B 288 -10.72 -15.77 -5.36
C ILE B 288 -12.19 -16.11 -5.15
N ARG B 289 -12.60 -16.18 -3.87
CA ARG B 289 -14.00 -16.47 -3.55
C ARG B 289 -14.94 -15.45 -4.19
N VAL B 290 -14.57 -14.16 -4.15
CA VAL B 290 -15.36 -13.08 -4.71
C VAL B 290 -15.62 -13.29 -6.18
N LEU B 291 -14.57 -13.60 -6.93
CA LEU B 291 -14.72 -13.70 -8.38
C LEU B 291 -15.68 -14.84 -8.71
N ASP B 292 -15.65 -15.92 -7.93
CA ASP B 292 -16.64 -16.99 -8.16
C ASP B 292 -18.04 -16.55 -7.72
N LEU B 293 -18.15 -15.92 -6.55
CA LEU B 293 -19.44 -15.46 -6.06
C LEU B 293 -20.10 -14.54 -7.09
N LEU B 294 -19.31 -13.69 -7.76
CA LEU B 294 -19.82 -12.74 -8.74
C LEU B 294 -20.16 -13.37 -10.06
N GLN B 295 -19.54 -14.51 -10.39
CA GLN B 295 -19.98 -15.20 -11.59
C GLN B 295 -21.17 -16.11 -11.32
N GLU B 296 -21.47 -16.42 -10.05
CA GLU B 296 -22.63 -17.27 -9.75
C GLU B 296 -23.94 -16.60 -10.11
N SER B 297 -24.03 -15.28 -9.91
CA SER B 297 -25.31 -14.59 -10.00
C SER B 297 -25.06 -13.10 -10.19
N GLY B 298 -26.00 -12.44 -10.86
CA GLY B 298 -26.01 -11.00 -10.98
C GLY B 298 -27.01 -10.38 -10.03
N ASP B 299 -27.42 -11.12 -8.99
CA ASP B 299 -28.43 -10.65 -8.03
C ASP B 299 -28.00 -9.37 -7.30
N LEU B 300 -26.76 -9.34 -6.81
CA LEU B 300 -26.32 -8.19 -6.03
C LEU B 300 -26.27 -6.93 -6.91
N ARG B 301 -25.75 -7.04 -8.14
CA ARG B 301 -25.78 -5.92 -9.07
C ARG B 301 -27.19 -5.42 -9.28
N ASP B 302 -28.15 -6.34 -9.42
CA ASP B 302 -29.54 -5.97 -9.68
C ASP B 302 -30.10 -5.16 -8.53
N ARG B 303 -29.84 -5.60 -7.31
CA ARG B 303 -30.30 -4.85 -6.14
C ARG B 303 -29.65 -3.46 -6.07
N LEU B 304 -28.35 -3.38 -6.37
CA LEU B 304 -27.66 -2.09 -6.44
C LEU B 304 -28.40 -1.15 -7.38
N TRP B 305 -28.65 -1.59 -8.62
CA TRP B 305 -29.25 -0.68 -9.60
C TRP B 305 -30.71 -0.38 -9.29
N GLU B 306 -31.44 -1.32 -8.69
CA GLU B 306 -32.80 -1.00 -8.25
C GLU B 306 -32.77 0.10 -7.21
N ASN B 307 -31.84 -0.01 -6.25
CA ASN B 307 -31.70 1.03 -5.24
C ASN B 307 -31.39 2.37 -5.89
N ALA B 308 -30.43 2.37 -6.82
CA ALA B 308 -30.00 3.62 -7.46
C ALA B 308 -31.16 4.29 -8.20
N THR B 309 -31.90 3.50 -8.98
CA THR B 309 -33.06 4.05 -9.70
C THR B 309 -34.09 4.62 -8.73
N HIS B 310 -34.41 3.86 -7.69
CA HIS B 310 -35.40 4.31 -6.71
C HIS B 310 -34.95 5.59 -6.02
N PHE B 311 -33.66 5.67 -5.69
CA PHE B 311 -33.12 6.83 -5.00
C PHE B 311 -33.26 8.07 -5.87
N ARG B 312 -32.89 7.96 -7.16
CA ARG B 312 -32.99 9.11 -8.04
C ARG B 312 -34.43 9.54 -8.20
N THR B 313 -35.33 8.57 -8.35
CA THR B 313 -36.73 8.93 -8.53
C THR B 313 -37.25 9.71 -7.33
N ARG B 314 -37.17 9.11 -6.15
CA ARG B 314 -37.73 9.75 -4.97
C ARG B 314 -37.02 11.05 -4.63
N MET B 315 -35.69 11.10 -4.75
CA MET B 315 -35.00 12.32 -4.31
C MET B 315 -35.20 13.46 -5.30
N SER B 316 -35.15 13.19 -6.62
CA SER B 316 -35.42 14.26 -7.58
C SER B 316 -36.87 14.76 -7.45
N GLU B 317 -37.84 13.84 -7.29
CA GLU B 317 -39.22 14.31 -7.17
C GLU B 317 -39.44 15.13 -5.90
N ALA B 318 -38.62 14.94 -4.88
CA ALA B 318 -38.76 15.80 -3.71
C ALA B 318 -38.10 17.16 -3.92
N GLY B 319 -37.37 17.36 -5.02
CA GLY B 319 -36.75 18.64 -5.30
C GLY B 319 -35.24 18.70 -5.18
N PHE B 320 -34.57 17.60 -4.88
CA PHE B 320 -33.11 17.62 -4.80
C PHE B 320 -32.49 17.64 -6.18
N THR B 321 -31.34 18.31 -6.30
CA THR B 321 -30.54 18.25 -7.51
C THR B 321 -29.48 17.16 -7.34
N LEU B 322 -29.44 16.20 -8.25
CA LEU B 322 -28.53 15.06 -8.14
C LEU B 322 -27.55 15.07 -9.31
N ALA B 323 -26.28 14.76 -9.04
CA ALA B 323 -25.30 14.73 -10.13
C ALA B 323 -25.18 13.33 -10.75
N GLY B 324 -24.57 13.28 -11.95
CA GLY B 324 -24.11 12.03 -12.54
C GLY B 324 -25.21 11.20 -13.16
N ALA B 325 -24.81 10.06 -13.73
CA ALA B 325 -25.73 9.12 -14.36
C ALA B 325 -25.10 7.73 -14.37
N ASP B 326 -25.92 6.72 -14.09
CA ASP B 326 -25.54 5.31 -14.34
C ASP B 326 -24.47 4.80 -13.38
N HIS B 327 -24.34 5.38 -12.18
CA HIS B 327 -23.36 4.86 -11.23
C HIS B 327 -23.97 4.88 -9.84
N ALA B 328 -23.31 4.15 -8.93
CA ALA B 328 -23.77 4.06 -7.56
C ALA B 328 -23.46 5.32 -6.76
N ILE B 329 -22.54 6.16 -7.22
CA ILE B 329 -22.30 7.44 -6.58
C ILE B 329 -23.35 8.42 -7.09
N ILE B 330 -24.18 8.95 -6.20
CA ILE B 330 -25.27 9.86 -6.60
C ILE B 330 -25.24 11.08 -5.70
N PRO B 331 -24.44 12.09 -6.06
CA PRO B 331 -24.25 13.22 -5.16
C PRO B 331 -25.49 14.09 -5.08
N ILE B 332 -25.82 14.51 -3.86
CA ILE B 332 -26.83 15.54 -3.60
C ILE B 332 -26.13 16.90 -3.70
N MET B 333 -26.46 17.69 -4.72
CA MET B 333 -25.79 18.97 -4.94
C MET B 333 -26.38 20.04 -4.02
N LEU B 334 -25.55 20.65 -3.13
CA LEU B 334 -26.03 21.65 -2.19
C LEU B 334 -25.33 23.00 -2.33
N GLY B 335 -24.24 23.09 -3.07
CA GLY B 335 -23.60 24.34 -3.44
C GLY B 335 -22.73 24.95 -2.37
N ASP B 336 -23.36 25.24 -1.22
CA ASP B 336 -22.74 25.99 -0.14
C ASP B 336 -22.09 25.01 0.84
N ALA B 337 -20.82 25.26 1.19
CA ALA B 337 -20.07 24.32 2.02
C ALA B 337 -20.67 24.21 3.42
N LYS B 338 -21.05 25.34 4.04
CA LYS B 338 -21.67 25.28 5.37
C LYS B 338 -23.01 24.56 5.34
N VAL B 339 -23.79 24.78 4.29
CA VAL B 339 -25.06 24.05 4.14
C VAL B 339 -24.81 22.55 4.05
N ALA B 340 -23.79 22.14 3.29
CA ALA B 340 -23.51 20.72 3.17
C ALA B 340 -23.08 20.13 4.52
N ALA B 341 -22.23 20.86 5.26
CA ALA B 341 -21.81 20.38 6.59
C ALA B 341 -23.00 20.26 7.55
N GLU B 342 -23.91 21.24 7.54
CA GLU B 342 -25.10 21.17 8.37
C GLU B 342 -26.02 20.02 7.95
N PHE B 343 -26.16 19.80 6.65
CA PHE B 343 -26.99 18.70 6.15
C PHE B 343 -26.47 17.35 6.66
N ALA B 344 -25.15 17.14 6.57
CA ALA B 344 -24.59 15.88 7.07
C ALA B 344 -24.83 15.72 8.56
N GLU B 345 -24.68 16.81 9.32
CA GLU B 345 -24.91 16.71 10.77
C GLU B 345 -26.37 16.37 11.09
N ARG B 346 -27.30 17.04 10.42
CA ARG B 346 -28.72 16.76 10.63
C ARG B 346 -29.11 15.36 10.19
N ALA B 347 -28.52 14.88 9.09
CA ALA B 347 -28.76 13.50 8.68
C ALA B 347 -28.29 12.52 9.75
N LEU B 348 -27.13 12.79 10.37
CA LEU B 348 -26.63 11.89 11.42
C LEU B 348 -27.62 11.84 12.59
N GLU B 349 -28.15 13.01 12.97
CA GLU B 349 -29.16 13.05 14.04
C GLU B 349 -30.39 12.20 13.71
N LYS B 350 -30.70 12.01 12.43
CA LYS B 350 -31.78 11.13 12.00
C LYS B 350 -31.33 9.70 11.65
N GLY B 351 -30.12 9.33 12.02
CA GLY B 351 -29.64 7.96 11.89
C GLY B 351 -28.99 7.62 10.58
N ILE B 352 -28.56 8.61 9.80
CA ILE B 352 -27.97 8.39 8.48
C ILE B 352 -26.55 8.99 8.46
N TYR B 353 -25.60 8.20 8.02
CA TYR B 353 -24.18 8.57 7.99
C TYR B 353 -23.82 8.91 6.55
N VAL B 354 -23.57 10.19 6.28
CA VAL B 354 -23.18 10.65 4.95
C VAL B 354 -21.95 11.55 5.11
N ILE B 355 -21.30 11.84 3.98
CA ILE B 355 -20.12 12.71 4.01
C ILE B 355 -20.33 13.83 2.98
N GLY B 356 -19.97 15.06 3.38
CA GLY B 356 -20.01 16.22 2.49
C GLY B 356 -18.64 16.62 1.99
N PHE B 357 -18.58 17.20 0.79
CA PHE B 357 -17.32 17.64 0.21
C PHE B 357 -17.49 19.05 -0.34
N SER B 358 -16.44 19.84 -0.25
CA SER B 358 -16.47 21.19 -0.77
C SER B 358 -15.07 21.52 -1.26
N PHE B 359 -14.88 22.77 -1.66
CA PHE B 359 -13.60 23.20 -2.17
C PHE B 359 -12.51 22.99 -1.12
N PRO B 360 -11.32 22.53 -1.51
CA PRO B 360 -10.82 22.28 -2.87
C PRO B 360 -11.13 20.93 -3.49
N VAL B 361 -11.84 20.06 -2.77
CA VAL B 361 -12.16 18.73 -3.33
C VAL B 361 -13.11 18.84 -4.52
N VAL B 362 -14.09 19.75 -4.44
CA VAL B 362 -14.99 20.02 -5.56
C VAL B 362 -15.00 21.53 -5.78
N PRO B 363 -15.50 22.05 -6.90
CA PRO B 363 -15.44 23.51 -7.09
C PRO B 363 -16.18 24.30 -6.02
N LYS B 364 -15.69 25.54 -5.79
CA LYS B 364 -16.44 26.48 -4.97
C LYS B 364 -17.86 26.64 -5.51
N GLY B 365 -18.82 26.69 -4.60
CA GLY B 365 -20.23 26.78 -5.03
C GLY B 365 -20.83 25.49 -5.54
N GLN B 366 -20.10 24.38 -5.49
CA GLN B 366 -20.66 23.10 -5.95
C GLN B 366 -20.44 22.02 -4.89
N ALA B 367 -20.59 22.41 -3.62
CA ALA B 367 -20.50 21.47 -2.51
C ALA B 367 -21.60 20.41 -2.62
N ARG B 368 -21.35 19.24 -2.02
CA ARG B 368 -22.31 18.17 -2.26
C ARG B 368 -22.20 17.14 -1.15
N ILE B 369 -23.25 16.35 -1.01
CA ILE B 369 -23.21 15.12 -0.20
C ILE B 369 -22.94 13.96 -1.15
N ARG B 370 -21.85 13.23 -0.95
CA ARG B 370 -21.55 12.10 -1.84
C ARG B 370 -22.25 10.85 -1.32
N THR B 371 -23.53 10.74 -1.61
CA THR B 371 -24.28 9.52 -1.28
C THR B 371 -23.84 8.38 -2.19
N GLN B 372 -23.63 7.21 -1.60
CA GLN B 372 -23.21 6.01 -2.33
C GLN B 372 -24.24 4.90 -2.09
N MET B 373 -24.78 4.38 -3.19
CA MET B 373 -25.70 3.27 -3.11
C MET B 373 -24.93 1.98 -2.81
N SER B 374 -25.68 0.99 -2.34
CA SER B 374 -25.08 -0.28 -1.98
C SER B 374 -26.14 -1.36 -2.10
N ALA B 375 -25.75 -2.51 -2.67
CA ALA B 375 -26.63 -3.67 -2.60
C ALA B 375 -26.95 -4.05 -1.15
N ALA B 376 -26.16 -3.60 -0.17
CA ALA B 376 -26.44 -3.96 1.22
C ALA B 376 -27.68 -3.26 1.77
N HIS B 377 -28.10 -2.14 1.19
CA HIS B 377 -29.27 -1.43 1.70
C HIS B 377 -30.54 -2.19 1.32
N SER B 378 -31.33 -2.57 2.31
CA SER B 378 -32.66 -3.09 2.02
C SER B 378 -33.53 -1.96 1.49
N ARG B 379 -34.61 -2.33 0.80
CA ARG B 379 -35.56 -1.33 0.30
C ARG B 379 -36.08 -0.45 1.44
N GLU B 380 -36.38 -1.06 2.59
CA GLU B 380 -36.83 -0.28 3.74
C GLU B 380 -35.74 0.64 4.29
N GLN B 381 -34.50 0.16 4.36
CA GLN B 381 -33.41 1.03 4.79
C GLN B 381 -33.23 2.20 3.83
N LEU B 382 -33.30 1.92 2.53
CA LEU B 382 -33.17 2.96 1.52
C LEU B 382 -34.29 3.98 1.63
N ASP B 383 -35.52 3.52 1.86
CA ASP B 383 -36.63 4.45 2.02
C ASP B 383 -36.50 5.25 3.31
N LYS B 384 -35.97 4.66 4.39
CA LYS B 384 -35.74 5.40 5.62
C LYS B 384 -34.68 6.49 5.42
N ALA B 385 -33.62 6.19 4.67
CA ALA B 385 -32.61 7.22 4.36
C ALA B 385 -33.21 8.34 3.52
N ILE B 386 -33.96 7.97 2.47
CA ILE B 386 -34.58 8.99 1.62
C ILE B 386 -35.54 9.84 2.44
N ASP B 387 -36.36 9.20 3.28
CA ASP B 387 -37.26 9.94 4.17
C ASP B 387 -36.49 10.94 5.02
N ALA B 388 -35.37 10.50 5.62
CA ALA B 388 -34.60 11.39 6.47
C ALA B 388 -34.01 12.56 5.67
N PHE B 389 -33.48 12.28 4.48
CA PHE B 389 -32.93 13.35 3.64
C PHE B 389 -34.02 14.37 3.32
N ILE B 390 -35.23 13.90 3.02
CA ILE B 390 -36.32 14.83 2.73
C ILE B 390 -36.66 15.66 3.96
N GLU B 391 -36.72 15.03 5.15
CA GLU B 391 -37.00 15.78 6.37
C GLU B 391 -35.90 16.80 6.67
N VAL B 392 -34.65 16.42 6.46
CA VAL B 392 -33.56 17.35 6.72
C VAL B 392 -33.65 18.54 5.76
N GLY B 393 -33.90 18.26 4.47
CA GLY B 393 -33.98 19.33 3.50
C GLY B 393 -35.15 20.26 3.75
N ARG B 394 -36.26 19.71 4.25
CA ARG B 394 -37.39 20.57 4.62
C ARG B 394 -37.08 21.37 5.86
N ASP B 395 -36.48 20.73 6.88
CA ASP B 395 -36.05 21.44 8.07
C ASP B 395 -35.08 22.57 7.73
N MET B 396 -34.21 22.37 6.74
CA MET B 396 -33.21 23.37 6.37
C MET B 396 -33.70 24.36 5.36
N GLU B 397 -34.96 24.24 4.93
CA GLU B 397 -35.56 25.09 3.91
C GLU B 397 -34.82 24.99 2.58
N ILE B 398 -34.30 23.80 2.27
CA ILE B 398 -33.70 23.56 0.96
C ILE B 398 -34.73 23.08 -0.04
N ILE B 399 -35.68 22.24 0.39
CA ILE B 399 -36.75 21.75 -0.46
C ILE B 399 -38.06 22.09 0.25
N LYS B 400 -39.15 22.04 -0.51
CA LYS B 400 -40.45 22.46 0.05
C LYS B 400 -41.04 21.36 0.94
#